data_9KV8
#
_entry.id   9KV8
#
_cell.length_a   1.00
_cell.length_b   1.00
_cell.length_c   1.00
_cell.angle_alpha   90.00
_cell.angle_beta   90.00
_cell.angle_gamma   90.00
#
_symmetry.space_group_name_H-M   'P 1'
#
loop_
_entity.id
_entity.type
_entity.pdbx_description
1 polymer 'Muscarinic acetylcholine receptor M4,C3a anaphylatoxin chemotactic receptor'
2 polymer 'VGF-derived peptide TLQP-21'
3 polymer 'Guanine nucleotide-binding protein G(o) subunit alpha'
4 polymer 'Guanine nucleotide-binding protein G(I)/G(S)/G(T) subunit beta-1'
5 polymer 'Guanine nucleotide-binding protein G(I)/G(S)/G(O) subunit gamma-2'
6 polymer 'Antibody fragment - ScFv16'
#
loop_
_entity_poly.entity_id
_entity_poly.type
_entity_poly.pdbx_seq_one_letter_code
_entity_poly.pdbx_strand_id
1 'polypeptide(L)'
;MGKTIIALSYIFCLVFADYKDDDDAANFTPVNGSSGNQSVRLVTSSSLEVLFQGPGSESFDADTNSTDLHSRPLFQPQDI
ASMVILGLTCLLGLLGNGLVLWVAGVKMKTTVNTVWFLHLTLADFLCCLSLPFSLAHLILQGHWPYGLFLCKLIPSIIIL
NMFASVFLLTAISLDRCLIVHKPIWCQNHRNVRTAFAICGCVWVVAFVMCVPVFVYRDLFIMDNRSICRYNFDSSRSYDY
WDYVYKLSLPESNSTDNSTAQLTGHMNDRSAPSSVQARDYFWTVTTALQSQPFLTSPEDSFSLDSANQQPHYGGKPPNVL
TAAVPSGFPVEDRKSNTLNADAFLSAHTELFPTASSGHLYPYDFQGDYVDQFTYDNHVPTPLMAITITRLVVGFLVPFFI
MVICYSLIVFRMRKTNFTKSRNKTFRVAVAVVTVFFICWTPYHLVGVLLLITDPESSLGEAVMSWDHMSIALASANSCFN
PFLYALLGKDFRKKARQSIKGILEAAFSEELTHSTNCTQDKASSKRNNMSTDV
;
C
2 'polypeptide(L)' TLQPPSALRRRHYHHALPPSR D
3 'polypeptide(L)'
;MGHHHHHHENLYFQGTLSAEERAALERSKAIEKNLKEDGISAAKDVKLLLLGADNSGKSTIVKQMKIIHGGSGGSGGTTG
IVETHFTFKNLHFRLFDVGGQRSERKKWIHCFEDVTAIIFCVDLSDYDQVLHEDETTNRMHESLMLFDSICNNKFFIDTS
IILFLNKKDLFGEKIKKSPLTICFPEYTGPNTYEDAAAYIQAQFESKNRSPNKEIYCHMTCATDTNNAQVIFDAVTDIII
ANNLRGCGLY
;
A
4 'polypeptide(L)'
;MHHHHHHGSSGSELDQLRQEAEQLKNQIRDARKACADATLSQITNNIDPVGRIQMRTRRTLRGHLAKIYAMHWGTDSRLL
VSASQDGKLIIWDSYTTNKVHAIPLRSSWVMTCAYAPSGNYVACGGLDNICSIYNLKTREGNVRVSRELAGHTGYLSCCR
FLDDNQIVTSSGDTTCALWDIETGQQTTTFTGHTGDVMSLSLAPDTRLFVSGACDASAKLWDVREGMCRQTFTGHESDIN
AICFFPNGNAFATGSDDATCRLFDLRADQELMTYSHDNIICGITSVSFSKSGRLLLAGYDDFNCNVWDALKADRAGVLAG
HDNRVSCLGVTDDGMAVATGSWDSFLKIWN
;
B
5 'polypeptide(L)' MASNNTASIAQARKLVEQLKMEANIDRIKVSKAAADLMAYCEAHAKEDPLLTPVPASENPFREKKFFCAIL G
6 'polypeptide(L)'
;DVQLVESGGGLVQPGGSRKLSCSASGFAFSSFGMHWVRQAPEKGLEWVAYISSGSGTIYYADTVKGRFTISRDDPKNTLF
LQMTSLRSEDTAMYYCVRSIYYYGSSPFDFWGQGTTLTVSSGGGGSGGGGSGGGGSDIVMTQATSSVPVTPGESVSISCR
SSKSLLHSNGNTYLYWFLQRPGQSPQLLIYRMSNLASGVPDRFSGSGSGTAFTLTISRLEAEDVGVYYCMQHLEYPLTFG
AGTKLELK
;
H
#
# COMPACT_ATOMS: atom_id res chain seq x y z
N PRO A 73 -27.09 -15.93 -54.75
CA PRO A 73 -26.31 -14.75 -54.34
C PRO A 73 -24.89 -15.11 -53.90
N LEU A 74 -24.01 -14.11 -53.84
CA LEU A 74 -22.64 -14.36 -53.42
C LEU A 74 -22.58 -14.81 -51.97
N PHE A 75 -23.40 -14.22 -51.10
CA PHE A 75 -23.44 -14.57 -49.69
C PHE A 75 -24.81 -15.13 -49.35
N GLN A 76 -24.82 -16.27 -48.67
CA GLN A 76 -26.07 -16.87 -48.22
C GLN A 76 -26.65 -16.05 -47.07
N PRO A 77 -27.97 -16.13 -46.86
CA PRO A 77 -28.57 -15.41 -45.72
C PRO A 77 -27.95 -15.81 -44.39
N GLN A 78 -27.62 -17.09 -44.22
CA GLN A 78 -26.90 -17.52 -43.03
C GLN A 78 -25.54 -16.85 -42.94
N ASP A 79 -24.83 -16.78 -44.07
CA ASP A 79 -23.53 -16.12 -44.09
C ASP A 79 -23.65 -14.64 -43.76
N ILE A 80 -24.67 -13.97 -44.31
CA ILE A 80 -24.85 -12.54 -44.04
C ILE A 80 -25.16 -12.32 -42.56
N ALA A 81 -26.06 -13.14 -42.00
CA ALA A 81 -26.37 -13.02 -40.58
C ALA A 81 -25.14 -13.27 -39.72
N SER A 82 -24.35 -14.29 -40.08
CA SER A 82 -23.14 -14.58 -39.34
C SER A 82 -22.16 -13.41 -39.40
N MET A 83 -22.00 -12.81 -40.58
CA MET A 83 -21.07 -11.69 -40.73
C MET A 83 -21.50 -10.50 -39.90
N VAL A 84 -22.79 -10.16 -39.94
CA VAL A 84 -23.24 -8.98 -39.22
C VAL A 84 -23.16 -9.22 -37.71
N ILE A 85 -23.57 -10.40 -37.24
CA ILE A 85 -23.50 -10.67 -35.81
C ILE A 85 -22.05 -10.75 -35.36
N LEU A 86 -21.15 -11.28 -36.19
CA LEU A 86 -19.74 -11.33 -35.85
C LEU A 86 -19.15 -9.93 -35.71
N GLY A 87 -19.48 -9.04 -36.65
CA GLY A 87 -18.98 -7.67 -36.56
C GLY A 87 -19.50 -6.95 -35.33
N LEU A 88 -20.80 -7.08 -35.07
CA LEU A 88 -21.38 -6.46 -33.88
C LEU A 88 -20.75 -7.02 -32.61
N THR A 89 -20.57 -8.35 -32.55
CA THR A 89 -19.94 -8.97 -31.39
C THR A 89 -18.51 -8.50 -31.21
N CYS A 90 -17.75 -8.40 -32.31
CA CYS A 90 -16.37 -7.94 -32.21
C CYS A 90 -16.32 -6.52 -31.64
N LEU A 91 -17.13 -5.61 -32.19
CA LEU A 91 -17.11 -4.23 -31.71
C LEU A 91 -17.52 -4.15 -30.24
N LEU A 92 -18.67 -4.75 -29.90
CA LEU A 92 -19.18 -4.66 -28.54
C LEU A 92 -18.23 -5.32 -27.55
N GLY A 93 -17.69 -6.49 -27.90
CA GLY A 93 -16.78 -7.17 -27.01
C GLY A 93 -15.48 -6.43 -26.81
N LEU A 94 -14.91 -5.89 -27.90
CA LEU A 94 -13.71 -5.08 -27.75
C LEU A 94 -13.96 -3.92 -26.80
N LEU A 95 -15.05 -3.18 -27.01
CA LEU A 95 -15.35 -2.04 -26.16
C LEU A 95 -15.53 -2.46 -24.71
N GLY A 96 -16.39 -3.45 -24.46
CA GLY A 96 -16.70 -3.84 -23.10
C GLY A 96 -15.51 -4.45 -22.37
N ASN A 97 -14.78 -5.35 -23.03
CA ASN A 97 -13.63 -5.98 -22.41
C ASN A 97 -12.52 -4.97 -22.14
N GLY A 98 -12.29 -4.05 -23.08
CA GLY A 98 -11.32 -3.00 -22.84
C GLY A 98 -11.70 -2.14 -21.65
N LEU A 99 -12.98 -1.76 -21.56
CA LEU A 99 -13.43 -0.97 -20.42
C LEU A 99 -13.23 -1.72 -19.11
N VAL A 100 -13.63 -3.00 -19.09
CA VAL A 100 -13.56 -3.79 -17.86
C VAL A 100 -12.11 -3.97 -17.43
N LEU A 101 -11.23 -4.29 -18.38
CA LEU A 101 -9.82 -4.47 -18.04
C LEU A 101 -9.21 -3.16 -17.58
N TRP A 102 -9.47 -2.06 -18.29
CA TRP A 102 -8.90 -0.76 -17.93
C TRP A 102 -9.35 -0.34 -16.53
N VAL A 103 -10.61 -0.60 -16.19
CA VAL A 103 -11.07 -0.29 -14.85
C VAL A 103 -10.39 -1.19 -13.83
N ALA A 104 -10.60 -2.50 -13.92
CA ALA A 104 -10.20 -3.41 -12.85
C ALA A 104 -8.68 -3.55 -12.76
N GLY A 105 -8.02 -3.97 -13.84
CA GLY A 105 -6.62 -4.28 -13.76
C GLY A 105 -5.68 -3.09 -13.78
N VAL A 106 -6.20 -1.88 -13.88
CA VAL A 106 -5.40 -0.67 -13.83
C VAL A 106 -5.81 0.23 -12.66
N LYS A 107 -7.06 0.65 -12.63
CA LYS A 107 -7.52 1.55 -11.58
C LYS A 107 -7.76 0.82 -10.26
N MET A 108 -8.53 -0.26 -10.29
CA MET A 108 -8.88 -1.00 -9.09
C MET A 108 -7.75 -1.95 -8.69
N LYS A 109 -7.89 -2.54 -7.51
CA LYS A 109 -6.92 -3.49 -7.00
C LYS A 109 -7.35 -4.92 -7.30
N THR A 110 -6.47 -5.86 -6.98
CA THR A 110 -6.69 -7.28 -7.26
C THR A 110 -7.13 -7.98 -5.98
N THR A 111 -8.42 -7.87 -5.69
CA THR A 111 -8.97 -8.58 -4.54
C THR A 111 -9.28 -10.04 -4.92
N VAL A 112 -9.70 -10.81 -3.91
CA VAL A 112 -9.95 -12.23 -4.13
C VAL A 112 -11.06 -12.44 -5.15
N ASN A 113 -12.09 -11.59 -5.12
CA ASN A 113 -13.24 -11.78 -5.99
C ASN A 113 -12.99 -11.36 -7.43
N THR A 114 -12.18 -10.33 -7.65
CA THR A 114 -12.02 -9.79 -8.99
C THR A 114 -10.83 -10.37 -9.76
N VAL A 115 -10.03 -11.25 -9.15
CA VAL A 115 -9.03 -11.97 -9.92
C VAL A 115 -9.69 -12.81 -11.01
N TRP A 116 -10.80 -13.46 -10.64
CA TRP A 116 -11.57 -14.24 -11.60
C TRP A 116 -12.07 -13.36 -12.74
N PHE A 117 -12.60 -12.18 -12.39
CA PHE A 117 -13.10 -11.26 -13.40
C PHE A 117 -11.97 -10.79 -14.31
N LEU A 118 -10.81 -10.49 -13.74
CA LEU A 118 -9.66 -10.09 -14.55
C LEU A 118 -9.29 -11.17 -15.55
N HIS A 119 -9.14 -12.41 -15.09
CA HIS A 119 -8.74 -13.47 -16.00
C HIS A 119 -9.79 -13.74 -17.06
N LEU A 120 -11.07 -13.74 -16.66
CA LEU A 120 -12.14 -14.00 -17.61
C LEU A 120 -12.22 -12.90 -18.66
N THR A 121 -12.14 -11.64 -18.23
CA THR A 121 -12.23 -10.54 -19.18
C THR A 121 -10.99 -10.46 -20.06
N LEU A 122 -9.83 -10.90 -19.56
CA LEU A 122 -8.65 -10.98 -20.42
C LEU A 122 -8.83 -12.04 -21.51
N ALA A 123 -9.34 -13.21 -21.13
CA ALA A 123 -9.59 -14.25 -22.14
C ALA A 123 -10.62 -13.79 -23.16
N ASP A 124 -11.69 -13.12 -22.69
CA ASP A 124 -12.70 -12.62 -23.60
C ASP A 124 -12.16 -11.52 -24.50
N PHE A 125 -11.29 -10.65 -23.96
CA PHE A 125 -10.70 -9.61 -24.78
C PHE A 125 -9.81 -10.21 -25.86
N LEU A 126 -9.04 -11.23 -25.51
CA LEU A 126 -8.24 -11.91 -26.53
C LEU A 126 -9.12 -12.55 -27.60
N CYS A 127 -10.22 -13.18 -27.17
CA CYS A 127 -11.13 -13.78 -28.14
C CYS A 127 -11.72 -12.73 -29.08
N CYS A 128 -12.16 -11.61 -28.52
CA CYS A 128 -12.76 -10.56 -29.34
C CYS A 128 -11.73 -9.92 -30.26
N LEU A 129 -10.50 -9.74 -29.77
CA LEU A 129 -9.45 -9.16 -30.60
C LEU A 129 -9.04 -10.10 -31.73
N SER A 130 -9.13 -11.40 -31.51
CA SER A 130 -8.87 -12.37 -32.59
C SER A 130 -10.09 -12.60 -33.46
N LEU A 131 -11.26 -12.15 -33.04
CA LEU A 131 -12.47 -12.30 -33.86
C LEU A 131 -12.37 -11.68 -35.26
N PRO A 132 -11.77 -10.50 -35.46
CA PRO A 132 -11.66 -9.98 -36.84
C PRO A 132 -10.92 -10.92 -37.78
N PHE A 133 -10.09 -11.83 -37.28
CA PHE A 133 -9.53 -12.86 -38.14
C PHE A 133 -10.62 -13.72 -38.74
N SER A 134 -11.58 -14.15 -37.91
CA SER A 134 -12.71 -14.91 -38.43
C SER A 134 -13.60 -14.04 -39.31
N LEU A 135 -13.72 -12.75 -38.98
CA LEU A 135 -14.47 -11.83 -39.84
C LEU A 135 -13.88 -11.81 -41.24
N ALA A 136 -12.56 -11.65 -41.34
CA ALA A 136 -11.90 -11.66 -42.63
C ALA A 136 -12.05 -13.01 -43.32
N HIS A 137 -11.90 -14.11 -42.57
CA HIS A 137 -12.04 -15.44 -43.14
C HIS A 137 -13.42 -15.62 -43.79
N LEU A 138 -14.46 -15.12 -43.14
CA LEU A 138 -15.79 -15.19 -43.71
C LEU A 138 -15.93 -14.23 -44.89
N ILE A 139 -15.33 -13.05 -44.80
CA ILE A 139 -15.51 -12.02 -45.83
C ILE A 139 -14.87 -12.45 -47.15
N LEU A 140 -13.62 -12.92 -47.09
CA LEU A 140 -12.83 -13.16 -48.29
C LEU A 140 -12.71 -14.65 -48.62
N GLN A 141 -13.65 -15.47 -48.16
CA GLN A 141 -13.88 -16.82 -48.69
C GLN A 141 -12.68 -17.75 -48.45
N GLY A 142 -12.27 -17.85 -47.20
CA GLY A 142 -11.38 -18.91 -46.77
C GLY A 142 -9.92 -18.74 -47.10
N HIS A 143 -9.54 -17.66 -47.77
CA HIS A 143 -8.13 -17.41 -48.03
C HIS A 143 -7.44 -16.95 -46.75
N TRP A 144 -6.18 -17.35 -46.59
CA TRP A 144 -5.39 -17.04 -45.39
C TRP A 144 -4.11 -16.35 -45.81
N PRO A 145 -4.14 -15.03 -45.96
CA PRO A 145 -2.93 -14.28 -46.31
C PRO A 145 -1.97 -14.07 -45.16
N TYR A 146 -2.16 -14.74 -44.04
CA TYR A 146 -1.33 -14.55 -42.85
C TYR A 146 -0.14 -15.49 -42.79
N GLY A 147 0.03 -16.36 -43.77
CA GLY A 147 1.22 -17.19 -43.85
C GLY A 147 1.04 -18.58 -43.28
N LEU A 148 2.17 -19.16 -42.88
CA LEU A 148 2.22 -20.53 -42.39
C LEU A 148 2.18 -20.60 -40.87
N PHE A 149 3.07 -19.87 -40.20
CA PHE A 149 3.11 -19.90 -38.73
C PHE A 149 1.81 -19.36 -38.14
N LEU A 150 1.26 -18.30 -38.72
CA LEU A 150 -0.01 -17.77 -38.23
C LEU A 150 -1.15 -18.74 -38.47
N CYS A 151 -1.12 -19.49 -39.58
CA CYS A 151 -2.15 -20.48 -39.83
C CYS A 151 -2.10 -21.61 -38.81
N LYS A 152 -0.97 -21.75 -38.10
CA LYS A 152 -0.85 -22.75 -37.05
C LYS A 152 -1.04 -22.16 -35.65
N LEU A 153 -0.92 -20.84 -35.50
CA LEU A 153 -1.03 -20.19 -34.21
C LEU A 153 -2.40 -19.60 -33.95
N ILE A 154 -3.01 -18.95 -34.95
CA ILE A 154 -4.27 -18.24 -34.73
C ILE A 154 -5.38 -19.16 -34.23
N PRO A 155 -5.65 -20.32 -34.84
CA PRO A 155 -6.68 -21.20 -34.27
C PRO A 155 -6.39 -21.59 -32.84
N SER A 156 -5.14 -21.87 -32.52
CA SER A 156 -4.80 -22.27 -31.15
C SER A 156 -4.97 -21.13 -30.17
N ILE A 157 -4.57 -19.91 -30.56
CA ILE A 157 -4.77 -18.76 -29.69
C ILE A 157 -6.25 -18.52 -29.44
N ILE A 158 -7.06 -18.60 -30.50
CA ILE A 158 -8.49 -18.36 -30.36
C ILE A 158 -9.13 -19.41 -29.46
N ILE A 159 -8.83 -20.68 -29.70
CA ILE A 159 -9.42 -21.74 -28.88
C ILE A 159 -8.91 -21.65 -27.45
N LEU A 160 -7.65 -21.25 -27.27
CA LEU A 160 -7.10 -21.13 -25.93
C LEU A 160 -7.84 -20.05 -25.13
N ASN A 161 -8.02 -18.86 -25.71
CA ASN A 161 -8.69 -17.82 -24.95
C ASN A 161 -10.18 -18.12 -24.80
N MET A 162 -10.80 -18.75 -25.80
CA MET A 162 -12.22 -19.10 -25.70
C MET A 162 -12.46 -20.11 -24.58
N PHE A 163 -11.69 -21.20 -24.55
CA PHE A 163 -11.88 -22.20 -23.51
C PHE A 163 -11.29 -21.75 -22.18
N ALA A 164 -10.36 -20.81 -22.16
CA ALA A 164 -10.00 -20.15 -20.92
C ALA A 164 -11.20 -19.40 -20.37
N SER A 165 -11.96 -18.74 -21.24
CA SER A 165 -13.18 -18.07 -20.80
C SER A 165 -14.17 -19.07 -20.22
N VAL A 166 -14.39 -20.19 -20.91
CA VAL A 166 -15.39 -21.15 -20.41
C VAL A 166 -14.93 -21.77 -19.09
N PHE A 167 -13.65 -22.15 -18.99
CA PHE A 167 -13.16 -22.74 -17.75
C PHE A 167 -13.14 -21.74 -16.61
N LEU A 168 -12.87 -20.47 -16.91
CA LEU A 168 -12.95 -19.46 -15.87
C LEU A 168 -14.38 -19.23 -15.42
N LEU A 169 -15.35 -19.32 -16.33
CA LEU A 169 -16.75 -19.27 -15.92
C LEU A 169 -17.07 -20.41 -14.96
N THR A 170 -16.65 -21.62 -15.31
CA THR A 170 -16.89 -22.77 -14.44
C THR A 170 -16.19 -22.62 -13.11
N ALA A 171 -14.97 -22.09 -13.11
CA ALA A 171 -14.24 -21.91 -11.87
C ALA A 171 -14.86 -20.81 -11.02
N ILE A 172 -15.47 -19.80 -11.64
CA ILE A 172 -16.23 -18.81 -10.88
C ILE A 172 -17.43 -19.45 -10.24
N SER A 173 -18.11 -20.35 -10.96
CA SER A 173 -19.22 -21.08 -10.35
C SER A 173 -18.75 -21.91 -9.15
N LEU A 174 -17.61 -22.59 -9.30
CA LEU A 174 -17.04 -23.35 -8.18
C LEU A 174 -16.70 -22.44 -7.01
N ASP A 175 -16.11 -21.28 -7.28
CA ASP A 175 -15.74 -20.36 -6.21
C ASP A 175 -16.98 -19.86 -5.48
N ARG A 176 -18.04 -19.54 -6.23
CA ARG A 176 -19.27 -19.09 -5.59
C ARG A 176 -19.90 -20.18 -4.73
N CYS A 177 -19.93 -21.41 -5.25
CA CYS A 177 -20.47 -22.51 -4.45
C CYS A 177 -19.65 -22.75 -3.19
N LEU A 178 -18.32 -22.68 -3.31
CA LEU A 178 -17.46 -22.87 -2.16
C LEU A 178 -17.62 -21.74 -1.14
N ILE A 179 -17.83 -20.53 -1.62
CA ILE A 179 -18.10 -19.40 -0.73
C ILE A 179 -19.39 -19.63 0.04
N VAL A 180 -20.44 -20.05 -0.67
CA VAL A 180 -21.73 -20.22 -0.01
C VAL A 180 -21.70 -21.38 0.98
N HIS A 181 -21.06 -22.49 0.60
CA HIS A 181 -21.15 -23.71 1.40
C HIS A 181 -20.08 -23.82 2.47
N LYS A 182 -18.89 -23.26 2.25
CA LYS A 182 -17.77 -23.38 3.19
C LYS A 182 -17.20 -22.00 3.47
N PRO A 183 -17.92 -21.16 4.22
CA PRO A 183 -17.38 -19.85 4.58
C PRO A 183 -16.11 -19.91 5.39
N ILE A 184 -15.99 -20.89 6.29
CA ILE A 184 -14.81 -20.97 7.15
C ILE A 184 -13.58 -21.30 6.32
N TRP A 185 -13.69 -22.31 5.45
CA TRP A 185 -12.55 -22.69 4.63
C TRP A 185 -12.16 -21.58 3.66
N CYS A 186 -13.14 -20.89 3.09
CA CYS A 186 -12.84 -19.77 2.21
C CYS A 186 -12.16 -18.63 2.96
N GLN A 187 -12.64 -18.32 4.17
CA GLN A 187 -12.01 -17.26 4.95
C GLN A 187 -10.59 -17.64 5.34
N ASN A 188 -10.34 -18.92 5.64
CA ASN A 188 -9.10 -19.32 6.26
C ASN A 188 -8.03 -19.75 5.25
N HIS A 189 -8.42 -20.16 4.03
CA HIS A 189 -7.48 -20.67 3.04
C HIS A 189 -7.59 -20.05 1.66
N ARG A 190 -8.68 -19.35 1.35
CA ARG A 190 -8.86 -18.76 0.03
C ARG A 190 -8.39 -17.32 0.05
N ASN A 191 -7.33 -17.04 -0.70
CA ASN A 191 -6.74 -15.71 -0.75
C ASN A 191 -6.41 -15.36 -2.20
N VAL A 192 -5.76 -14.21 -2.39
CA VAL A 192 -5.45 -13.76 -3.75
C VAL A 192 -4.42 -14.67 -4.40
N ARG A 193 -3.43 -15.13 -3.62
CA ARG A 193 -2.39 -15.99 -4.19
C ARG A 193 -2.98 -17.32 -4.66
N THR A 194 -3.86 -17.93 -3.86
CA THR A 194 -4.48 -19.19 -4.27
C THR A 194 -5.39 -18.99 -5.47
N ALA A 195 -6.11 -17.87 -5.52
CA ALA A 195 -6.95 -17.58 -6.68
C ALA A 195 -6.11 -17.44 -7.94
N PHE A 196 -4.98 -16.74 -7.85
CA PHE A 196 -4.10 -16.61 -9.00
C PHE A 196 -3.51 -17.96 -9.40
N ALA A 197 -3.16 -18.78 -8.42
CA ALA A 197 -2.58 -20.09 -8.73
C ALA A 197 -3.60 -20.98 -9.44
N ILE A 198 -4.85 -21.00 -8.96
CA ILE A 198 -5.85 -21.84 -9.61
C ILE A 198 -6.26 -21.26 -10.96
N CYS A 199 -6.22 -19.94 -11.13
CA CYS A 199 -6.43 -19.36 -12.45
C CYS A 199 -5.33 -19.77 -13.41
N GLY A 200 -4.08 -19.77 -12.93
CA GLY A 200 -2.99 -20.28 -13.76
C GLY A 200 -3.16 -21.75 -14.10
N CYS A 201 -3.69 -22.53 -13.16
CA CYS A 201 -3.99 -23.93 -13.45
C CYS A 201 -5.05 -24.04 -14.54
N VAL A 202 -6.06 -23.18 -14.51
CA VAL A 202 -7.08 -23.17 -15.56
C VAL A 202 -6.45 -22.83 -16.91
N TRP A 203 -5.57 -21.81 -16.92
CA TRP A 203 -4.89 -21.44 -18.15
C TRP A 203 -4.03 -22.59 -18.67
N VAL A 204 -3.37 -23.31 -17.77
CA VAL A 204 -2.54 -24.45 -18.16
C VAL A 204 -3.40 -25.57 -18.74
N VAL A 205 -4.57 -25.81 -18.14
CA VAL A 205 -5.48 -26.83 -18.68
C VAL A 205 -5.90 -26.45 -20.09
N ALA A 206 -6.26 -25.18 -20.29
CA ALA A 206 -6.63 -24.73 -21.63
C ALA A 206 -5.47 -24.89 -22.61
N PHE A 207 -4.26 -24.54 -22.19
CA PHE A 207 -3.09 -24.68 -23.04
C PHE A 207 -2.85 -26.13 -23.42
N VAL A 208 -2.99 -27.04 -22.46
CA VAL A 208 -2.79 -28.45 -22.73
C VAL A 208 -3.82 -28.96 -23.72
N MET A 209 -5.09 -28.59 -23.52
CA MET A 209 -6.12 -29.04 -24.44
C MET A 209 -6.04 -28.37 -25.80
N CYS A 210 -5.31 -27.26 -25.91
CA CYS A 210 -5.18 -26.54 -27.18
C CYS A 210 -3.89 -26.83 -27.92
N VAL A 211 -2.92 -27.48 -27.28
CA VAL A 211 -1.69 -27.88 -27.97
C VAL A 211 -1.97 -28.72 -29.22
N PRO A 212 -2.87 -29.71 -29.20
CA PRO A 212 -3.15 -30.47 -30.43
C PRO A 212 -3.59 -29.59 -31.59
N VAL A 213 -4.34 -28.52 -31.33
CA VAL A 213 -4.70 -27.58 -32.38
C VAL A 213 -3.45 -27.01 -33.03
N PHE A 214 -2.46 -26.62 -32.20
CA PHE A 214 -1.23 -26.07 -32.75
C PHE A 214 -0.47 -27.11 -33.55
N VAL A 215 -0.36 -28.33 -33.02
CA VAL A 215 0.48 -29.33 -33.68
C VAL A 215 -0.18 -29.84 -34.96
N TYR A 216 -1.49 -29.65 -35.10
CA TYR A 216 -2.21 -30.19 -36.25
C TYR A 216 -2.63 -29.13 -37.26
N ARG A 217 -2.79 -27.87 -36.86
CA ARG A 217 -3.29 -26.82 -37.75
C ARG A 217 -2.15 -26.33 -38.63
N ASP A 218 -2.41 -26.22 -39.93
CA ASP A 218 -1.40 -25.85 -40.90
C ASP A 218 -2.09 -25.43 -42.19
N LEU A 219 -1.33 -25.35 -43.28
CA LEU A 219 -1.83 -24.89 -44.57
C LEU A 219 -1.83 -26.04 -45.58
N PHE A 220 -2.29 -27.21 -45.15
CA PHE A 220 -2.11 -28.45 -45.90
C PHE A 220 -2.96 -28.47 -47.17
N ILE A 221 -4.28 -28.41 -47.01
CA ILE A 221 -5.21 -28.74 -48.09
C ILE A 221 -5.20 -27.66 -49.17
N MET A 222 -5.80 -27.98 -50.32
CA MET A 222 -6.05 -27.07 -51.43
C MET A 222 -4.78 -26.71 -52.18
N ASP A 223 -4.93 -26.19 -53.40
CA ASP A 223 -3.81 -25.76 -54.23
C ASP A 223 -3.81 -24.27 -54.50
N ASN A 224 -4.92 -23.72 -55.01
CA ASN A 224 -5.04 -22.30 -55.26
C ASN A 224 -5.51 -21.60 -53.98
N ARG A 225 -4.84 -20.51 -53.62
CA ARG A 225 -5.11 -19.76 -52.40
C ARG A 225 -4.82 -20.59 -51.16
N SER A 226 -4.80 -19.95 -50.01
CA SER A 226 -4.39 -20.59 -48.75
C SER A 226 -5.61 -20.91 -47.90
N ILE A 227 -5.75 -22.18 -47.51
CA ILE A 227 -6.86 -22.64 -46.68
C ILE A 227 -6.28 -23.26 -45.42
N CYS A 228 -6.72 -22.77 -44.26
CA CYS A 228 -6.24 -23.28 -42.97
C CYS A 228 -7.02 -24.53 -42.60
N ARG A 229 -6.49 -25.69 -43.00
CA ARG A 229 -6.99 -26.99 -42.59
C ARG A 229 -5.94 -27.60 -41.66
N TYR A 230 -6.15 -28.84 -41.25
CA TYR A 230 -5.26 -29.51 -40.30
C TYR A 230 -4.27 -30.38 -41.06
N ASN A 231 -2.99 -30.37 -40.65
CA ASN A 231 -2.14 -31.50 -40.98
C ASN A 231 -2.65 -32.67 -40.17
N PHE A 232 -3.44 -33.54 -40.80
CA PHE A 232 -4.24 -34.51 -40.07
C PHE A 232 -4.28 -35.81 -40.85
N ASP A 233 -3.67 -36.85 -40.30
CA ASP A 233 -3.63 -38.16 -40.95
C ASP A 233 -3.99 -39.27 -39.97
N VAL A 378 -13.47 -41.75 -41.93
CA VAL A 378 -12.97 -40.61 -41.17
C VAL A 378 -11.95 -41.09 -40.12
N PRO A 379 -10.82 -40.40 -40.03
CA PRO A 379 -9.78 -40.81 -39.08
C PRO A 379 -10.26 -40.75 -37.64
N THR A 380 -9.77 -41.69 -36.83
CA THR A 380 -10.08 -41.70 -35.40
C THR A 380 -9.65 -40.43 -34.65
N PRO A 381 -8.46 -39.85 -34.88
CA PRO A 381 -8.09 -38.66 -34.10
C PRO A 381 -9.06 -37.49 -34.24
N LEU A 382 -9.79 -37.40 -35.35
CA LEU A 382 -10.81 -36.36 -35.46
C LEU A 382 -11.94 -36.61 -34.48
N MET A 383 -12.38 -37.87 -34.37
CA MET A 383 -13.37 -38.22 -33.36
C MET A 383 -12.85 -37.93 -31.97
N ALA A 384 -11.59 -38.28 -31.70
CA ALA A 384 -11.02 -38.03 -30.38
C ALA A 384 -10.98 -36.54 -30.06
N ILE A 385 -10.51 -35.72 -31.02
CA ILE A 385 -10.40 -34.28 -30.78
C ILE A 385 -11.77 -33.67 -30.58
N THR A 386 -12.73 -34.01 -31.44
CA THR A 386 -14.06 -33.43 -31.30
C THR A 386 -14.73 -33.89 -30.01
N ILE A 387 -14.52 -35.14 -29.61
CA ILE A 387 -15.13 -35.64 -28.38
C ILE A 387 -14.54 -34.93 -27.16
N THR A 388 -13.21 -34.77 -27.12
CA THR A 388 -12.61 -34.07 -25.99
C THR A 388 -13.02 -32.61 -25.98
N ARG A 389 -13.08 -31.96 -27.15
CA ARG A 389 -13.62 -30.61 -27.22
C ARG A 389 -15.01 -30.54 -26.61
N LEU A 390 -15.96 -31.30 -27.18
CA LEU A 390 -17.32 -31.34 -26.66
C LEU A 390 -17.35 -31.52 -25.15
N VAL A 391 -16.80 -32.65 -24.68
CA VAL A 391 -16.93 -33.00 -23.27
C VAL A 391 -16.29 -31.93 -22.39
N VAL A 392 -14.96 -31.75 -22.51
CA VAL A 392 -14.22 -30.94 -21.57
C VAL A 392 -14.62 -29.47 -21.68
N GLY A 393 -15.03 -29.01 -22.87
CA GLY A 393 -15.33 -27.61 -23.03
C GLY A 393 -16.77 -27.24 -22.77
N PHE A 394 -17.70 -28.20 -22.86
CA PHE A 394 -19.10 -27.89 -22.61
C PHE A 394 -19.70 -28.69 -21.47
N LEU A 395 -19.61 -30.02 -21.50
CA LEU A 395 -20.47 -30.81 -20.61
C LEU A 395 -20.00 -30.74 -19.17
N VAL A 396 -18.76 -31.15 -18.90
CA VAL A 396 -18.23 -31.04 -17.55
C VAL A 396 -18.31 -29.62 -17.01
N PRO A 397 -17.93 -28.58 -17.77
CA PRO A 397 -18.18 -27.21 -17.28
C PRO A 397 -19.65 -26.90 -17.09
N PHE A 398 -20.51 -27.29 -18.03
CA PHE A 398 -21.94 -27.01 -17.86
C PHE A 398 -22.51 -27.78 -16.67
N PHE A 399 -22.14 -29.06 -16.53
CA PHE A 399 -22.65 -29.84 -15.40
C PHE A 399 -22.17 -29.25 -14.08
N ILE A 400 -20.90 -28.87 -13.99
CA ILE A 400 -20.39 -28.27 -12.77
C ILE A 400 -21.11 -26.96 -12.48
N MET A 401 -21.30 -26.13 -13.50
CA MET A 401 -21.98 -24.85 -13.29
C MET A 401 -23.41 -25.05 -12.81
N VAL A 402 -24.14 -25.98 -13.43
CA VAL A 402 -25.52 -26.23 -13.03
C VAL A 402 -25.58 -26.78 -11.62
N ILE A 403 -24.70 -27.73 -11.28
CA ILE A 403 -24.70 -28.30 -9.94
C ILE A 403 -24.36 -27.24 -8.90
N CYS A 404 -23.34 -26.43 -9.17
CA CYS A 404 -22.93 -25.41 -8.22
C CYS A 404 -24.02 -24.37 -8.00
N TYR A 405 -24.65 -23.91 -9.09
CA TYR A 405 -25.68 -22.89 -8.93
C TYR A 405 -26.96 -23.47 -8.33
N SER A 406 -27.29 -24.72 -8.65
CA SER A 406 -28.42 -25.37 -8.01
C SER A 406 -28.20 -25.52 -6.52
N LEU A 407 -26.98 -25.93 -6.12
CA LEU A 407 -26.66 -26.04 -4.70
C LEU A 407 -26.69 -24.68 -4.03
N ILE A 408 -26.19 -23.65 -4.71
CA ILE A 408 -26.22 -22.30 -4.14
C ILE A 408 -27.65 -21.86 -3.88
N VAL A 409 -28.51 -22.01 -4.89
CA VAL A 409 -29.88 -21.54 -4.73
C VAL A 409 -30.65 -22.42 -3.74
N PHE A 410 -30.33 -23.71 -3.65
CA PHE A 410 -30.98 -24.57 -2.66
C PHE A 410 -30.57 -24.20 -1.24
N ARG A 411 -29.28 -23.99 -1.00
CA ARG A 411 -28.83 -23.57 0.32
C ARG A 411 -29.39 -22.22 0.71
N MET A 412 -29.44 -21.27 -0.22
CA MET A 412 -30.04 -19.96 0.03
C MET A 412 -31.56 -20.05 0.19
N ARG A 413 -32.18 -21.09 -0.36
CA ARG A 413 -33.58 -21.39 -0.07
C ARG A 413 -33.76 -22.00 1.31
N LYS A 414 -32.73 -22.64 1.85
CA LYS A 414 -32.76 -23.14 3.23
C LYS A 414 -32.62 -21.92 4.17
N THR A 415 -33.76 -21.24 4.36
CA THR A 415 -33.88 -19.99 5.11
C THR A 415 -32.66 -19.08 4.99
N ASN A 416 -32.15 -18.57 6.11
CA ASN A 416 -31.01 -17.66 6.13
C ASN A 416 -31.27 -16.46 5.23
N PHE A 417 -30.78 -16.53 4.00
CA PHE A 417 -30.96 -15.44 3.05
C PHE A 417 -32.44 -15.20 2.79
N THR A 418 -32.83 -13.93 2.82
CA THR A 418 -34.21 -13.54 2.55
C THR A 418 -34.27 -12.30 1.68
N LYS A 419 -33.11 -11.75 1.35
CA LYS A 419 -33.00 -10.53 0.55
C LYS A 419 -32.04 -10.73 -0.61
N SER A 420 -31.67 -11.98 -0.86
CA SER A 420 -30.75 -12.27 -1.96
C SER A 420 -31.25 -13.47 -2.77
N ARG A 421 -32.17 -14.25 -2.19
CA ARG A 421 -32.68 -15.45 -2.83
C ARG A 421 -33.29 -15.14 -4.20
N ASN A 422 -33.75 -13.91 -4.40
CA ASN A 422 -34.31 -13.50 -5.67
C ASN A 422 -33.26 -12.99 -6.65
N LYS A 423 -32.42 -12.06 -6.21
CA LYS A 423 -31.37 -11.52 -7.09
C LYS A 423 -30.37 -12.61 -7.47
N THR A 424 -29.96 -13.43 -6.51
CA THR A 424 -29.04 -14.52 -6.81
C THR A 424 -29.66 -15.51 -7.77
N PHE A 425 -30.94 -15.84 -7.58
CA PHE A 425 -31.59 -16.76 -8.49
C PHE A 425 -31.66 -16.18 -9.90
N ARG A 426 -31.99 -14.89 -10.01
CA ARG A 426 -32.05 -14.25 -11.32
C ARG A 426 -30.69 -14.28 -12.00
N VAL A 427 -29.63 -13.91 -11.27
CA VAL A 427 -28.30 -13.88 -11.85
C VAL A 427 -27.87 -15.29 -12.27
N ALA A 428 -28.10 -16.28 -11.40
CA ALA A 428 -27.67 -17.64 -11.71
C ALA A 428 -28.40 -18.17 -12.93
N VAL A 429 -29.73 -18.01 -12.98
CA VAL A 429 -30.48 -18.56 -14.11
C VAL A 429 -30.11 -17.84 -15.40
N ALA A 430 -29.92 -16.51 -15.33
CA ALA A 430 -29.53 -15.77 -16.53
C ALA A 430 -28.17 -16.22 -17.04
N VAL A 431 -27.20 -16.36 -16.13
CA VAL A 431 -25.85 -16.76 -16.53
C VAL A 431 -25.87 -18.16 -17.14
N VAL A 432 -26.55 -19.10 -16.49
CA VAL A 432 -26.56 -20.48 -16.97
C VAL A 432 -27.30 -20.59 -18.30
N THR A 433 -28.41 -19.87 -18.45
CA THR A 433 -29.15 -19.97 -19.70
C THR A 433 -28.42 -19.27 -20.84
N VAL A 434 -27.72 -18.17 -20.57
CA VAL A 434 -26.92 -17.52 -21.59
C VAL A 434 -25.80 -18.45 -22.04
N PHE A 435 -25.12 -19.07 -21.07
CA PHE A 435 -24.08 -20.04 -21.38
C PHE A 435 -24.64 -21.17 -22.25
N PHE A 436 -25.79 -21.70 -21.86
CA PHE A 436 -26.37 -22.83 -22.59
C PHE A 436 -26.70 -22.45 -24.03
N ILE A 437 -27.44 -21.35 -24.21
CA ILE A 437 -27.87 -20.99 -25.56
C ILE A 437 -26.69 -20.55 -26.41
N CYS A 438 -25.65 -19.98 -25.81
CA CYS A 438 -24.49 -19.56 -26.59
C CYS A 438 -23.62 -20.74 -27.00
N TRP A 439 -23.38 -21.68 -26.10
CA TRP A 439 -22.37 -22.71 -26.36
C TRP A 439 -22.96 -24.03 -26.87
N THR A 440 -24.26 -24.26 -26.72
CA THR A 440 -24.84 -25.49 -27.24
C THR A 440 -24.77 -25.59 -28.76
N PRO A 441 -25.13 -24.57 -29.54
CA PRO A 441 -25.03 -24.72 -31.01
C PRO A 441 -23.61 -25.00 -31.47
N TYR A 442 -22.61 -24.46 -30.77
CA TYR A 442 -21.22 -24.63 -31.19
C TYR A 442 -20.83 -26.10 -31.20
N HIS A 443 -20.85 -26.75 -30.03
CA HIS A 443 -20.50 -28.16 -29.98
C HIS A 443 -21.54 -29.02 -30.69
N LEU A 444 -22.79 -28.55 -30.76
CA LEU A 444 -23.82 -29.31 -31.46
C LEU A 444 -23.48 -29.45 -32.94
N VAL A 445 -23.17 -28.34 -33.61
CA VAL A 445 -22.77 -28.43 -35.01
C VAL A 445 -21.41 -29.11 -35.13
N GLY A 446 -20.54 -28.96 -34.12
CA GLY A 446 -19.27 -29.66 -34.16
C GLY A 446 -19.42 -31.16 -34.24
N VAL A 447 -20.38 -31.72 -33.50
CA VAL A 447 -20.60 -33.16 -33.58
C VAL A 447 -21.50 -33.51 -34.76
N LEU A 448 -22.36 -32.59 -35.20
CA LEU A 448 -23.22 -32.84 -36.36
C LEU A 448 -22.41 -32.97 -37.63
N LEU A 449 -21.33 -32.18 -37.75
CA LEU A 449 -20.48 -32.27 -38.94
C LEU A 449 -19.81 -33.63 -39.06
N LEU A 450 -19.78 -34.41 -37.99
CA LEU A 450 -19.22 -35.76 -38.01
C LEU A 450 -20.28 -36.85 -38.08
N ILE A 451 -21.44 -36.63 -37.45
CA ILE A 451 -22.46 -37.68 -37.41
C ILE A 451 -23.44 -37.55 -38.57
N THR A 452 -23.09 -36.71 -39.56
CA THR A 452 -23.95 -36.48 -40.70
C THR A 452 -23.15 -36.59 -41.99
N ASP A 453 -23.78 -37.16 -43.02
CA ASP A 453 -23.18 -37.21 -44.34
C ASP A 453 -23.27 -35.84 -45.00
N PRO A 454 -22.16 -35.24 -45.43
CA PRO A 454 -22.24 -33.92 -46.08
C PRO A 454 -23.12 -33.89 -47.32
N GLU A 455 -23.20 -35.00 -48.05
CA GLU A 455 -24.03 -35.05 -49.25
C GLU A 455 -25.52 -34.95 -48.92
N SER A 456 -25.91 -35.27 -47.69
CA SER A 456 -27.33 -35.22 -47.33
C SER A 456 -27.78 -33.78 -47.14
N SER A 457 -29.11 -33.61 -47.06
CA SER A 457 -29.67 -32.29 -46.81
C SER A 457 -29.23 -31.76 -45.44
N LEU A 458 -29.20 -32.63 -44.43
CA LEU A 458 -28.73 -32.20 -43.12
C LEU A 458 -27.27 -31.81 -43.15
N GLY A 459 -26.47 -32.46 -44.00
CA GLY A 459 -25.08 -32.06 -44.15
C GLY A 459 -24.94 -30.63 -44.66
N GLU A 460 -25.69 -30.30 -45.72
CA GLU A 460 -25.67 -28.93 -46.22
C GLU A 460 -26.20 -27.96 -45.17
N ALA A 461 -27.22 -28.38 -44.42
CA ALA A 461 -27.78 -27.53 -43.38
C ALA A 461 -26.75 -27.19 -42.32
N VAL A 462 -26.02 -28.20 -41.83
CA VAL A 462 -25.02 -27.94 -40.81
C VAL A 462 -23.85 -27.15 -41.37
N MET A 463 -23.49 -27.40 -42.64
CA MET A 463 -22.44 -26.60 -43.27
C MET A 463 -22.83 -25.13 -43.31
N SER A 464 -24.09 -24.84 -43.63
CA SER A 464 -24.54 -23.45 -43.66
C SER A 464 -24.61 -22.87 -42.26
N TRP A 465 -25.12 -23.63 -41.29
CA TRP A 465 -25.28 -23.15 -39.93
C TRP A 465 -23.97 -23.06 -39.15
N ASP A 466 -22.87 -23.59 -39.71
CA ASP A 466 -21.59 -23.52 -39.02
C ASP A 466 -21.23 -22.09 -38.62
N HIS A 467 -21.31 -21.15 -39.57
CA HIS A 467 -20.90 -19.78 -39.29
C HIS A 467 -21.81 -19.12 -38.27
N MET A 468 -23.13 -19.34 -38.39
CA MET A 468 -24.06 -18.78 -37.42
C MET A 468 -23.78 -19.33 -36.03
N SER A 469 -23.50 -20.64 -35.95
CA SER A 469 -23.24 -21.27 -34.65
C SER A 469 -21.97 -20.73 -34.01
N ILE A 470 -20.89 -20.62 -34.78
CA ILE A 470 -19.65 -20.12 -34.20
C ILE A 470 -19.79 -18.64 -33.83
N ALA A 471 -20.54 -17.87 -34.62
CA ALA A 471 -20.78 -16.47 -34.25
C ALA A 471 -21.57 -16.38 -32.95
N LEU A 472 -22.58 -17.25 -32.79
CA LEU A 472 -23.33 -17.27 -31.54
C LEU A 472 -22.43 -17.63 -30.36
N ALA A 473 -21.55 -18.63 -30.55
CA ALA A 473 -20.64 -18.99 -29.47
C ALA A 473 -19.71 -17.86 -29.10
N SER A 474 -19.18 -17.15 -30.11
CA SER A 474 -18.31 -16.02 -29.85
C SER A 474 -19.05 -14.83 -29.26
N ALA A 475 -20.37 -14.76 -29.44
CA ALA A 475 -21.16 -13.70 -28.79
C ALA A 475 -21.10 -13.80 -27.28
N ASN A 476 -20.79 -14.97 -26.73
CA ASN A 476 -20.60 -15.08 -25.28
C ASN A 476 -19.42 -14.24 -24.83
N SER A 477 -18.41 -14.06 -25.69
CA SER A 477 -17.26 -13.26 -25.32
C SER A 477 -17.64 -11.80 -25.06
N CYS A 478 -18.68 -11.30 -25.72
CA CYS A 478 -19.13 -9.94 -25.46
C CYS A 478 -20.27 -9.88 -24.45
N PHE A 479 -21.01 -10.98 -24.29
CA PHE A 479 -22.04 -11.01 -23.24
C PHE A 479 -21.44 -11.18 -21.85
N ASN A 480 -20.26 -11.79 -21.75
CA ASN A 480 -19.66 -12.06 -20.44
C ASN A 480 -19.36 -10.81 -19.62
N PRO A 481 -18.78 -9.74 -20.17
CA PRO A 481 -18.51 -8.57 -19.31
C PRO A 481 -19.75 -8.02 -18.64
N PHE A 482 -20.84 -7.83 -19.38
CA PHE A 482 -22.07 -7.32 -18.77
C PHE A 482 -22.59 -8.27 -17.71
N LEU A 483 -22.55 -9.57 -17.98
CA LEU A 483 -23.14 -10.54 -17.08
C LEU A 483 -22.30 -10.80 -15.84
N TYR A 484 -21.01 -10.47 -15.87
CA TYR A 484 -20.13 -10.80 -14.75
C TYR A 484 -19.52 -9.57 -14.09
N ALA A 485 -18.82 -8.72 -14.83
CA ALA A 485 -18.13 -7.60 -14.19
C ALA A 485 -19.11 -6.51 -13.81
N LEU A 486 -20.09 -6.24 -14.64
CA LEU A 486 -21.04 -5.14 -14.41
C LEU A 486 -22.26 -5.60 -13.62
N LEU A 487 -22.02 -6.23 -12.48
CA LEU A 487 -23.09 -6.52 -11.52
C LEU A 487 -22.77 -5.98 -10.13
N GLY A 488 -21.53 -6.07 -9.70
CA GLY A 488 -21.16 -5.50 -8.41
C GLY A 488 -21.36 -3.99 -8.42
N LYS A 489 -21.96 -3.48 -7.33
CA LYS A 489 -22.23 -2.05 -7.25
C LYS A 489 -20.95 -1.23 -7.32
N ASP A 490 -19.88 -1.71 -6.66
CA ASP A 490 -18.60 -1.02 -6.73
C ASP A 490 -18.06 -0.99 -8.15
N PHE A 491 -18.13 -2.13 -8.85
CA PHE A 491 -17.63 -2.17 -10.23
C PHE A 491 -18.52 -1.36 -11.17
N ARG A 492 -19.83 -1.39 -10.95
CA ARG A 492 -20.72 -0.56 -11.76
C ARG A 492 -20.41 0.92 -11.58
N LYS A 493 -20.19 1.34 -10.32
CA LYS A 493 -19.82 2.73 -10.06
C LYS A 493 -18.47 3.08 -10.70
N LYS A 494 -17.51 2.16 -10.62
CA LYS A 494 -16.20 2.42 -11.23
C LYS A 494 -16.31 2.56 -12.75
N ALA A 495 -17.12 1.70 -13.38
CA ALA A 495 -17.30 1.78 -14.82
C ALA A 495 -18.03 3.07 -15.20
N ARG A 496 -19.01 3.48 -14.40
CA ARG A 496 -19.68 4.75 -14.67
C ARG A 496 -18.73 5.93 -14.55
N GLN A 497 -17.86 5.90 -13.52
CA GLN A 497 -16.90 6.98 -13.32
C GLN A 497 -15.88 7.03 -14.46
N SER A 498 -15.43 5.86 -14.93
CA SER A 498 -14.45 5.83 -16.01
C SER A 498 -15.02 6.45 -17.28
N ILE A 499 -16.27 6.15 -17.60
CA ILE A 499 -16.91 6.70 -18.79
C ILE A 499 -17.25 8.17 -18.58
N ARG B 9 -20.76 -24.34 -53.38
CA ARG B 9 -20.61 -23.54 -52.17
C ARG B 9 -20.44 -24.43 -50.93
N ARG B 10 -21.08 -25.61 -50.97
CA ARG B 10 -20.97 -26.53 -49.85
C ARG B 10 -19.54 -27.02 -49.68
N ARG B 11 -18.86 -27.34 -50.78
CA ARG B 11 -17.46 -27.75 -50.69
C ARG B 11 -16.59 -26.62 -50.15
N HIS B 12 -16.82 -25.39 -50.61
CA HIS B 12 -16.07 -24.26 -50.10
C HIS B 12 -16.35 -24.04 -48.61
N TYR B 13 -17.62 -24.18 -48.20
CA TYR B 13 -17.95 -24.03 -46.79
C TYR B 13 -17.27 -25.10 -45.95
N HIS B 14 -17.23 -26.34 -46.43
CA HIS B 14 -16.50 -27.39 -45.71
C HIS B 14 -15.01 -27.06 -45.62
N HIS B 15 -14.42 -26.57 -46.72
CA HIS B 15 -13.03 -26.16 -46.69
C HIS B 15 -12.81 -24.94 -45.80
N ALA B 16 -13.76 -24.01 -45.80
CA ALA B 16 -13.64 -22.78 -45.02
C ALA B 16 -13.84 -23.07 -43.54
N LEU B 17 -12.90 -23.82 -42.98
CA LEU B 17 -12.91 -24.11 -41.56
C LEU B 17 -12.63 -22.83 -40.78
N PRO B 18 -13.50 -22.42 -39.88
CA PRO B 18 -13.32 -21.13 -39.20
C PRO B 18 -12.05 -21.12 -38.38
N PRO B 19 -11.31 -20.00 -38.38
CA PRO B 19 -10.14 -19.90 -37.51
C PRO B 19 -10.48 -19.93 -36.03
N SER B 20 -11.74 -19.72 -35.67
CA SER B 20 -12.18 -19.78 -34.29
C SER B 20 -12.74 -21.15 -33.90
N ARG B 21 -12.41 -22.19 -34.66
CA ARG B 21 -12.79 -23.56 -34.32
C ARG B 21 -11.60 -24.50 -34.45
N SER C 18 23.32 1.63 -11.25
CA SER C 18 23.14 0.18 -11.29
C SER C 18 24.40 -0.53 -10.82
N ALA C 19 25.20 0.15 -10.01
CA ALA C 19 26.41 -0.46 -9.45
C ALA C 19 26.06 -1.31 -8.23
N GLU C 20 25.56 -0.66 -7.18
CA GLU C 20 24.96 -1.36 -6.05
C GLU C 20 23.50 -1.00 -5.89
N GLU C 21 22.90 -0.36 -6.90
CA GLU C 21 21.46 -0.20 -6.95
C GLU C 21 20.75 -1.50 -7.31
N ARG C 22 21.46 -2.44 -7.91
CA ARG C 22 20.88 -3.77 -8.14
C ARG C 22 20.58 -4.46 -6.82
N ALA C 23 21.50 -4.36 -5.86
CA ALA C 23 21.23 -4.93 -4.54
C ALA C 23 20.12 -4.20 -3.82
N ALA C 24 20.00 -2.87 -4.03
CA ALA C 24 18.88 -2.14 -3.48
C ALA C 24 17.56 -2.63 -4.06
N LEU C 25 17.53 -2.90 -5.37
CA LEU C 25 16.33 -3.45 -6.00
C LEU C 25 16.03 -4.84 -5.46
N GLU C 26 17.06 -5.65 -5.23
CA GLU C 26 16.87 -6.97 -4.64
C GLU C 26 16.24 -6.86 -3.26
N ARG C 27 16.76 -5.95 -2.43
CA ARG C 27 16.20 -5.74 -1.10
C ARG C 27 14.75 -5.27 -1.16
N SER C 28 14.46 -4.33 -2.07
CA SER C 28 13.10 -3.85 -2.22
C SER C 28 12.16 -4.97 -2.63
N LYS C 29 12.57 -5.81 -3.58
CA LYS C 29 11.74 -6.93 -4.00
C LYS C 29 11.53 -7.92 -2.86
N ALA C 30 12.58 -8.21 -2.10
CA ALA C 30 12.45 -9.15 -0.98
C ALA C 30 11.47 -8.62 0.06
N ILE C 31 11.56 -7.34 0.41
CA ILE C 31 10.65 -6.83 1.42
C ILE C 31 9.24 -6.63 0.85
N GLU C 32 9.10 -6.44 -0.47
CA GLU C 32 7.77 -6.45 -1.06
C GLU C 32 7.14 -7.84 -0.95
N LYS C 33 7.94 -8.89 -1.18
CA LYS C 33 7.44 -10.24 -1.00
C LYS C 33 7.04 -10.50 0.46
N ASN C 34 7.85 -9.99 1.40
CA ASN C 34 7.50 -10.12 2.81
C ASN C 34 6.19 -9.39 3.12
N LEU C 35 6.00 -8.20 2.53
CA LEU C 35 4.75 -7.47 2.71
C LEU C 35 3.57 -8.26 2.19
N LYS C 36 3.71 -8.86 1.00
CA LYS C 36 2.63 -9.65 0.43
C LYS C 36 2.30 -10.84 1.31
N GLU C 37 3.32 -11.54 1.80
CA GLU C 37 3.08 -12.69 2.67
C GLU C 37 2.39 -12.28 3.96
N ASP C 38 2.83 -11.18 4.57
CA ASP C 38 2.21 -10.71 5.80
C ASP C 38 0.76 -10.29 5.57
N GLY C 39 0.48 -9.62 4.45
CA GLY C 39 -0.89 -9.26 4.14
C GLY C 39 -1.78 -10.46 3.92
N ILE C 40 -1.27 -11.47 3.22
CA ILE C 40 -2.03 -12.70 3.03
C ILE C 40 -2.32 -13.37 4.36
N SER C 41 -1.32 -13.43 5.25
CA SER C 41 -1.53 -14.04 6.55
C SER C 41 -2.53 -13.26 7.38
N ALA C 42 -2.48 -11.92 7.31
CA ALA C 42 -3.38 -11.10 8.12
C ALA C 42 -4.81 -11.10 7.58
N ALA C 43 -4.98 -11.32 6.28
CA ALA C 43 -6.32 -11.33 5.71
C ALA C 43 -7.17 -12.50 6.21
N LYS C 44 -6.54 -13.55 6.73
CA LYS C 44 -7.29 -14.70 7.20
C LYS C 44 -8.13 -14.35 8.43
N ASP C 45 -7.61 -13.49 9.30
CA ASP C 45 -8.27 -13.20 10.57
C ASP C 45 -9.57 -12.43 10.35
N VAL C 46 -10.53 -12.69 11.23
CA VAL C 46 -11.83 -12.03 11.18
C VAL C 46 -11.79 -10.83 12.11
N LYS C 47 -11.96 -9.63 11.55
CA LYS C 47 -11.98 -8.41 12.35
C LYS C 47 -13.39 -8.15 12.85
N LEU C 48 -13.53 -7.91 14.14
CA LEU C 48 -14.80 -7.55 14.76
C LEU C 48 -14.62 -6.30 15.59
N LEU C 49 -15.71 -5.58 15.83
CA LEU C 49 -15.66 -4.34 16.59
C LEU C 49 -16.62 -4.45 17.77
N LEU C 50 -16.10 -4.25 18.97
CA LEU C 50 -16.92 -4.28 20.18
C LEU C 50 -17.34 -2.87 20.54
N LEU C 51 -18.64 -2.68 20.74
CA LEU C 51 -19.19 -1.37 21.07
C LEU C 51 -20.32 -1.54 22.07
N GLY C 52 -20.64 -0.45 22.74
CA GLY C 52 -21.69 -0.44 23.74
C GLY C 52 -21.46 0.68 24.74
N ALA C 53 -22.37 0.74 25.71
CA ALA C 53 -22.26 1.75 26.75
C ALA C 53 -21.13 1.38 27.72
N ASP C 54 -20.79 2.33 28.58
CA ASP C 54 -19.80 2.08 29.62
C ASP C 54 -20.35 1.07 30.63
N ASN C 55 -19.53 0.09 30.98
CA ASN C 55 -19.91 -1.00 31.88
C ASN C 55 -21.12 -1.78 31.38
N SER C 56 -21.32 -1.81 30.06
CA SER C 56 -22.44 -2.53 29.46
C SER C 56 -22.22 -4.02 29.37
N GLY C 57 -20.99 -4.48 29.60
CA GLY C 57 -20.72 -5.90 29.56
C GLY C 57 -19.73 -6.30 28.48
N LYS C 58 -19.13 -5.32 27.82
CA LYS C 58 -18.12 -5.62 26.81
C LYS C 58 -16.93 -6.34 27.43
N SER C 59 -16.47 -5.86 28.59
CA SER C 59 -15.37 -6.52 29.28
C SER C 59 -15.74 -7.94 29.69
N THR C 60 -16.97 -8.14 30.16
CA THR C 60 -17.39 -9.46 30.59
C THR C 60 -17.34 -10.47 29.45
N ILE C 61 -17.91 -10.12 28.30
CA ILE C 61 -17.93 -11.05 27.18
C ILE C 61 -16.53 -11.24 26.61
N VAL C 62 -15.72 -10.18 26.56
CA VAL C 62 -14.40 -10.33 25.96
C VAL C 62 -13.45 -11.08 26.89
N LYS C 63 -13.73 -11.11 28.19
CA LYS C 63 -12.86 -11.83 29.14
C LYS C 63 -13.34 -13.24 29.41
N GLN C 64 -14.65 -13.49 29.35
CA GLN C 64 -15.15 -14.85 29.55
C GLN C 64 -14.68 -15.78 28.43
N MET C 65 -14.30 -15.21 27.29
CA MET C 65 -13.75 -15.98 26.18
C MET C 65 -12.22 -15.96 26.18
N LYS C 66 -11.60 -15.52 27.27
CA LYS C 66 -10.16 -15.57 27.48
C LYS C 66 -9.40 -14.64 26.55
N ILE C 67 -8.10 -14.47 26.82
CA ILE C 67 -7.21 -13.63 26.04
C ILE C 67 -7.77 -12.20 25.92
N THR C 79 -5.19 2.32 28.22
CA THR C 79 -6.46 2.99 27.95
C THR C 79 -6.68 3.16 26.46
N GLY C 80 -5.96 2.37 25.66
CA GLY C 80 -6.09 2.39 24.23
C GLY C 80 -7.05 1.34 23.71
N ILE C 81 -6.83 0.93 22.46
CA ILE C 81 -7.64 -0.13 21.88
C ILE C 81 -7.19 -1.46 22.50
N VAL C 82 -8.12 -2.13 23.19
CA VAL C 82 -7.80 -3.40 23.86
C VAL C 82 -8.15 -4.50 22.87
N GLU C 83 -7.21 -4.77 21.97
CA GLU C 83 -7.44 -5.82 20.98
C GLU C 83 -7.42 -7.19 21.64
N THR C 84 -8.34 -8.04 21.22
CA THR C 84 -8.45 -9.40 21.72
C THR C 84 -8.56 -10.36 20.54
N HIS C 85 -7.95 -11.52 20.67
CA HIS C 85 -7.93 -12.51 19.62
C HIS C 85 -8.13 -13.91 20.22
N PHE C 86 -8.72 -14.79 19.42
CA PHE C 86 -8.86 -16.19 19.81
C PHE C 86 -9.17 -17.00 18.55
N THR C 87 -9.18 -18.32 18.72
CA THR C 87 -9.49 -19.25 17.65
C THR C 87 -10.70 -20.07 18.04
N PHE C 88 -11.69 -20.15 17.15
CA PHE C 88 -12.92 -20.88 17.41
C PHE C 88 -13.37 -21.55 16.12
N LYS C 89 -13.32 -22.89 16.11
CA LYS C 89 -13.79 -23.69 14.99
C LYS C 89 -13.11 -23.28 13.68
N ASN C 90 -11.78 -23.15 13.74
CA ASN C 90 -10.93 -22.85 12.59
C ASN C 90 -11.15 -21.44 12.04
N LEU C 91 -11.56 -20.51 12.89
CA LEU C 91 -11.57 -19.09 12.56
C LEU C 91 -10.81 -18.32 13.61
N HIS C 92 -9.98 -17.37 13.19
CA HIS C 92 -9.23 -16.50 14.09
C HIS C 92 -9.98 -15.17 14.19
N PHE C 93 -10.72 -14.99 15.28
CA PHE C 93 -11.42 -13.75 15.52
C PHE C 93 -10.49 -12.73 16.14
N ARG C 94 -10.73 -11.46 15.83
CA ARG C 94 -9.98 -10.36 16.42
C ARG C 94 -10.99 -9.32 16.90
N LEU C 95 -11.22 -9.30 18.21
CA LEU C 95 -12.18 -8.37 18.83
C LEU C 95 -11.44 -7.11 19.24
N PHE C 96 -11.78 -5.99 18.60
CA PHE C 96 -11.09 -4.72 18.83
C PHE C 96 -11.93 -3.88 19.78
N ASP C 97 -11.79 -4.16 21.07
CA ASP C 97 -12.50 -3.42 22.11
C ASP C 97 -11.95 -1.99 22.17
N VAL C 98 -12.76 -1.03 21.77
CA VAL C 98 -12.35 0.37 21.73
C VAL C 98 -12.99 1.18 22.85
N GLY C 99 -13.40 0.51 23.94
CA GLY C 99 -14.04 1.21 25.03
C GLY C 99 -13.14 2.18 25.77
N GLY C 100 -11.83 2.01 25.66
CA GLY C 100 -10.90 2.93 26.29
C GLY C 100 -10.73 4.25 25.59
N GLN C 101 -11.24 4.38 24.37
CA GLN C 101 -11.17 5.63 23.61
C GLN C 101 -12.34 6.50 24.03
N ARG C 102 -12.12 7.33 25.04
CA ARG C 102 -13.14 8.24 25.54
C ARG C 102 -13.11 9.58 24.80
N SER C 103 -13.18 9.51 23.48
CA SER C 103 -13.11 10.70 22.64
C SER C 103 -14.16 10.65 21.54
N GLU C 104 -14.07 11.56 20.58
CA GLU C 104 -15.04 11.57 19.48
C GLU C 104 -14.86 10.34 18.61
N ARG C 105 -15.94 9.59 18.43
CA ARG C 105 -15.87 8.34 17.69
C ARG C 105 -15.64 8.58 16.20
N LYS C 106 -16.23 9.66 15.66
CA LYS C 106 -16.21 9.84 14.21
C LYS C 106 -14.78 10.04 13.68
N LYS C 107 -13.87 10.52 14.52
CA LYS C 107 -12.53 10.82 14.06
C LYS C 107 -11.65 9.58 13.92
N TRP C 108 -12.09 8.43 14.45
CA TRP C 108 -11.34 7.20 14.27
C TRP C 108 -12.21 6.00 13.90
N ILE C 109 -13.52 6.16 13.84
CA ILE C 109 -14.39 5.02 13.57
C ILE C 109 -14.26 4.54 12.13
N HIS C 110 -13.79 5.40 11.22
CA HIS C 110 -13.61 4.99 9.84
C HIS C 110 -12.46 4.00 9.68
N CYS C 111 -11.57 3.92 10.66
CA CYS C 111 -10.48 2.97 10.59
C CYS C 111 -10.99 1.54 10.55
N PHE C 112 -12.10 1.27 11.22
CA PHE C 112 -12.69 -0.06 11.30
C PHE C 112 -13.69 -0.33 10.18
N GLU C 113 -13.53 0.34 9.04
CA GLU C 113 -14.42 0.12 7.91
C GLU C 113 -14.32 -1.30 7.36
N ASP C 114 -13.20 -1.98 7.59
CA ASP C 114 -12.98 -3.31 7.03
C ASP C 114 -13.36 -4.44 7.98
N VAL C 115 -13.94 -4.14 9.14
CA VAL C 115 -14.29 -5.19 10.08
C VAL C 115 -15.42 -6.05 9.51
N THR C 116 -15.42 -7.32 9.88
CA THR C 116 -16.46 -8.22 9.40
C THR C 116 -17.81 -7.88 10.01
N ALA C 117 -17.85 -7.57 11.30
CA ALA C 117 -19.09 -7.24 11.98
C ALA C 117 -18.80 -6.25 13.10
N ILE C 118 -19.85 -5.83 13.78
CA ILE C 118 -19.76 -4.90 14.90
C ILE C 118 -20.51 -5.54 16.06
N ILE C 119 -19.81 -6.28 16.90
CA ILE C 119 -20.45 -6.93 18.04
C ILE C 119 -20.88 -5.85 19.03
N PHE C 120 -22.19 -5.77 19.26
CA PHE C 120 -22.77 -4.71 20.08
C PHE C 120 -23.33 -5.34 21.36
N CYS C 121 -22.98 -4.77 22.50
CA CYS C 121 -23.35 -5.31 23.79
C CYS C 121 -24.23 -4.31 24.52
N VAL C 122 -25.29 -4.80 25.16
CA VAL C 122 -26.19 -3.98 25.96
C VAL C 122 -26.46 -4.70 27.28
N ASP C 123 -26.32 -3.98 28.37
CA ASP C 123 -26.62 -4.51 29.70
C ASP C 123 -28.09 -4.28 30.00
N LEU C 124 -28.89 -5.34 29.93
CA LEU C 124 -30.32 -5.24 30.20
C LEU C 124 -30.62 -4.97 31.67
N SER C 125 -29.63 -5.06 32.56
CA SER C 125 -29.84 -4.72 33.96
C SER C 125 -30.20 -3.24 34.11
N ASP C 126 -29.53 -2.36 33.38
CA ASP C 126 -29.80 -0.94 33.45
C ASP C 126 -31.00 -0.57 32.58
N HIS C 141 -31.39 2.38 27.26
CA HIS C 141 -31.83 3.71 26.82
C HIS C 141 -30.67 4.52 26.28
N GLU C 142 -29.53 4.46 26.98
CA GLU C 142 -28.36 5.21 26.56
C GLU C 142 -27.69 4.57 25.35
N SER C 143 -27.77 3.25 25.21
CA SER C 143 -27.13 2.56 24.11
C SER C 143 -27.92 2.64 22.81
N LEU C 144 -29.20 2.99 22.89
CA LEU C 144 -30.02 3.05 21.68
C LEU C 144 -29.53 4.12 20.73
N MET C 145 -29.19 5.30 21.24
CA MET C 145 -28.69 6.38 20.40
C MET C 145 -27.36 5.99 19.75
N LEU C 146 -26.47 5.34 20.51
CA LEU C 146 -25.19 4.93 19.96
C LEU C 146 -25.38 3.87 18.88
N PHE C 147 -26.31 2.94 19.10
CA PHE C 147 -26.60 1.95 18.06
C PHE C 147 -27.19 2.60 16.82
N ASP C 148 -28.05 3.61 16.99
CA ASP C 148 -28.59 4.34 15.86
C ASP C 148 -27.47 5.04 15.09
N SER C 149 -26.53 5.65 15.81
CA SER C 149 -25.43 6.35 15.15
C SER C 149 -24.51 5.38 14.41
N ILE C 150 -24.22 4.23 15.01
CA ILE C 150 -23.27 3.30 14.41
C ILE C 150 -23.89 2.43 13.34
N CYS C 151 -25.22 2.30 13.32
CA CYS C 151 -25.87 1.50 12.29
C CYS C 151 -26.13 2.33 11.04
N ASN C 152 -26.27 3.64 11.18
CA ASN C 152 -26.49 4.54 10.05
C ASN C 152 -25.22 5.26 9.62
N ASN C 153 -24.07 4.89 10.17
CA ASN C 153 -22.82 5.53 9.79
C ASN C 153 -22.52 5.27 8.32
N LYS C 154 -21.95 6.28 7.65
CA LYS C 154 -21.72 6.18 6.21
C LYS C 154 -20.70 5.12 5.84
N PHE C 155 -19.88 4.67 6.79
CA PHE C 155 -18.90 3.62 6.51
C PHE C 155 -19.44 2.23 6.83
N PHE C 156 -20.38 2.12 7.76
CA PHE C 156 -20.94 0.85 8.18
C PHE C 156 -22.29 0.56 7.56
N ILE C 157 -22.53 1.07 6.33
CA ILE C 157 -23.78 0.73 5.64
C ILE C 157 -23.78 -0.71 5.17
N ASP C 158 -22.63 -1.38 5.16
CA ASP C 158 -22.54 -2.75 4.72
C ASP C 158 -22.25 -3.73 5.85
N THR C 159 -21.50 -3.32 6.87
CA THR C 159 -21.16 -4.23 7.96
C THR C 159 -22.39 -4.57 8.79
N SER C 160 -22.48 -5.84 9.20
CA SER C 160 -23.64 -6.34 9.94
C SER C 160 -23.39 -6.22 11.43
N ILE C 161 -24.29 -5.55 12.14
CA ILE C 161 -24.14 -5.32 13.57
C ILE C 161 -24.73 -6.52 14.31
N ILE C 162 -23.94 -7.09 15.21
CA ILE C 162 -24.39 -8.19 16.07
C ILE C 162 -24.80 -7.61 17.41
N LEU C 163 -26.02 -7.89 17.83
CA LEU C 163 -26.60 -7.28 19.03
C LEU C 163 -26.63 -8.32 20.14
N PHE C 164 -25.86 -8.09 21.20
CA PHE C 164 -25.86 -8.97 22.36
C PHE C 164 -26.57 -8.27 23.52
N LEU C 165 -27.46 -9.01 24.18
CA LEU C 165 -28.19 -8.50 25.34
C LEU C 165 -27.83 -9.38 26.53
N ASN C 166 -26.94 -8.86 27.39
CA ASN C 166 -26.50 -9.58 28.58
C ASN C 166 -27.42 -9.22 29.74
N LYS C 167 -27.05 -9.67 30.95
CA LYS C 167 -27.77 -9.36 32.18
C LYS C 167 -29.24 -9.77 32.10
N LYS C 168 -29.49 -10.96 31.53
CA LYS C 168 -30.87 -11.43 31.41
C LYS C 168 -31.49 -11.67 32.78
N ASP C 169 -30.75 -12.32 33.69
CA ASP C 169 -31.27 -12.56 35.04
C ASP C 169 -31.47 -11.25 35.78
N LEU C 170 -30.53 -10.32 35.67
CA LEU C 170 -30.69 -9.01 36.30
C LEU C 170 -31.83 -8.24 35.66
N PHE C 171 -32.05 -8.42 34.35
CA PHE C 171 -33.21 -7.80 33.71
C PHE C 171 -34.51 -8.32 34.30
N GLY C 172 -34.59 -9.64 34.50
CA GLY C 172 -35.77 -10.21 35.14
C GLY C 172 -35.95 -9.72 36.56
N GLU C 173 -34.84 -9.60 37.30
CA GLU C 173 -34.92 -9.09 38.67
C GLU C 173 -35.44 -7.66 38.69
N LYS C 174 -34.95 -6.82 37.78
CA LYS C 174 -35.43 -5.44 37.72
C LYS C 174 -36.89 -5.39 37.29
N ILE C 175 -37.30 -6.28 36.39
CA ILE C 175 -38.70 -6.36 35.98
C ILE C 175 -39.58 -6.70 37.18
N LYS C 176 -39.15 -7.67 37.99
CA LYS C 176 -39.89 -8.00 39.20
C LYS C 176 -39.93 -6.82 40.16
N LYS C 177 -38.81 -6.11 40.31
CA LYS C 177 -38.76 -5.00 41.25
C LYS C 177 -39.49 -3.78 40.71
N SER C 178 -39.30 -3.47 39.43
CA SER C 178 -39.84 -2.26 38.83
C SER C 178 -40.39 -2.57 37.45
N PRO C 179 -41.39 -1.80 36.99
CA PRO C 179 -41.89 -2.01 35.63
C PRO C 179 -40.83 -1.69 34.58
N LEU C 180 -40.88 -2.44 33.48
CA LEU C 180 -39.98 -2.19 32.37
C LEU C 180 -40.30 -0.89 31.63
N THR C 181 -41.47 -0.30 31.88
CA THR C 181 -41.84 0.95 31.24
C THR C 181 -41.05 2.14 31.77
N ILE C 182 -40.27 1.96 32.83
CA ILE C 182 -39.43 3.04 33.32
C ILE C 182 -38.41 3.45 32.26
N CYS C 183 -37.77 2.45 31.63
CA CYS C 183 -36.82 2.75 30.56
C CYS C 183 -37.53 3.32 29.34
N PHE C 184 -38.68 2.76 28.98
CA PHE C 184 -39.45 3.20 27.81
C PHE C 184 -40.90 3.44 28.23
N PRO C 185 -41.26 4.69 28.53
CA PRO C 185 -42.66 4.97 28.93
C PRO C 185 -43.67 4.65 27.86
N GLU C 186 -43.26 4.59 26.59
CA GLU C 186 -44.19 4.29 25.49
C GLU C 186 -44.44 2.80 25.32
N TYR C 187 -43.82 1.94 26.13
CA TYR C 187 -44.02 0.51 26.02
C TYR C 187 -45.39 0.16 26.59
N THR C 188 -46.39 0.07 25.72
CA THR C 188 -47.74 -0.30 26.13
C THR C 188 -47.88 -1.82 26.04
N GLY C 189 -47.37 -2.49 27.06
CA GLY C 189 -47.39 -3.94 27.12
C GLY C 189 -47.17 -4.46 28.51
N PRO C 190 -47.30 -5.78 28.67
CA PRO C 190 -47.13 -6.38 30.00
C PRO C 190 -45.68 -6.31 30.47
N ASN C 191 -45.52 -6.29 31.79
CA ASN C 191 -44.19 -6.23 32.41
C ASN C 191 -43.68 -7.65 32.66
N THR C 192 -43.38 -8.35 31.57
CA THR C 192 -42.84 -9.69 31.62
C THR C 192 -41.58 -9.77 30.77
N TYR C 193 -40.69 -10.69 31.14
CA TYR C 193 -39.39 -10.80 30.48
C TYR C 193 -39.56 -11.15 29.00
N GLU C 194 -40.43 -12.11 28.70
CA GLU C 194 -40.56 -12.58 27.33
C GLU C 194 -41.05 -11.49 26.39
N ASP C 195 -41.83 -10.54 26.89
CA ASP C 195 -42.32 -9.44 26.08
C ASP C 195 -41.43 -8.20 26.15
N ALA C 196 -40.90 -7.88 27.33
CA ALA C 196 -40.03 -6.72 27.45
C ALA C 196 -38.75 -6.90 26.64
N ALA C 197 -38.15 -8.10 26.70
CA ALA C 197 -36.94 -8.36 25.93
C ALA C 197 -37.21 -8.26 24.44
N ALA C 198 -38.34 -8.82 23.99
CA ALA C 198 -38.70 -8.73 22.57
C ALA C 198 -38.93 -7.28 22.16
N TYR C 199 -39.58 -6.49 23.02
CA TYR C 199 -39.80 -5.09 22.70
C TYR C 199 -38.49 -4.33 22.59
N ILE C 200 -37.56 -4.59 23.50
CA ILE C 200 -36.25 -3.92 23.45
C ILE C 200 -35.50 -4.32 22.18
N GLN C 201 -35.55 -5.62 21.83
CA GLN C 201 -34.89 -6.07 20.60
C GLN C 201 -35.50 -5.40 19.38
N ALA C 202 -36.83 -5.29 19.33
CA ALA C 202 -37.48 -4.62 18.21
C ALA C 202 -37.12 -3.14 18.15
N GLN C 203 -37.06 -2.48 19.31
CA GLN C 203 -36.67 -1.07 19.34
C GLN C 203 -35.25 -0.90 18.80
N PHE C 204 -34.33 -1.77 19.19
CA PHE C 204 -32.97 -1.70 18.68
C PHE C 204 -32.93 -1.93 17.18
N GLU C 205 -33.61 -2.99 16.71
CA GLU C 205 -33.54 -3.35 15.30
C GLU C 205 -34.26 -2.34 14.41
N SER C 206 -35.18 -1.56 14.97
CA SER C 206 -35.88 -0.54 14.17
C SER C 206 -34.94 0.53 13.64
N LYS C 207 -33.77 0.70 14.26
CA LYS C 207 -32.82 1.72 13.81
C LYS C 207 -32.18 1.38 12.48
N ASN C 208 -32.32 0.15 11.99
CA ASN C 208 -31.76 -0.23 10.70
C ASN C 208 -32.51 0.47 9.57
N ARG C 209 -31.75 0.94 8.58
CA ARG C 209 -32.35 1.59 7.42
C ARG C 209 -31.75 1.13 6.09
N SER C 210 -30.75 0.24 6.10
CA SER C 210 -30.18 -0.25 4.86
C SER C 210 -30.83 -1.57 4.43
N PRO C 211 -30.89 -1.83 3.14
CA PRO C 211 -31.52 -3.07 2.67
C PRO C 211 -30.59 -4.26 2.69
N ASN C 212 -29.27 -4.01 2.63
CA ASN C 212 -28.28 -5.06 2.46
C ASN C 212 -27.47 -5.32 3.71
N LYS C 213 -28.01 -4.99 4.89
CA LYS C 213 -27.36 -5.30 6.16
C LYS C 213 -28.37 -5.92 7.11
N GLU C 214 -27.89 -6.85 7.94
CA GLU C 214 -28.74 -7.60 8.84
C GLU C 214 -28.21 -7.49 10.27
N ILE C 215 -29.11 -7.28 11.21
CA ILE C 215 -28.77 -7.20 12.63
C ILE C 215 -29.10 -8.53 13.29
N TYR C 216 -28.10 -9.18 13.86
CA TYR C 216 -28.28 -10.42 14.58
C TYR C 216 -28.40 -10.14 16.08
N CYS C 217 -29.25 -10.90 16.75
CA CYS C 217 -29.54 -10.69 18.15
C CYS C 217 -29.40 -11.98 18.92
N HIS C 218 -29.02 -11.86 20.20
CA HIS C 218 -28.93 -13.00 21.09
C HIS C 218 -29.05 -12.48 22.52
N MET C 219 -29.54 -13.36 23.40
CA MET C 219 -29.69 -13.06 24.81
C MET C 219 -28.75 -13.94 25.62
N THR C 220 -28.11 -13.35 26.61
CA THR C 220 -27.19 -14.09 27.48
C THR C 220 -27.41 -13.66 28.93
N CYS C 221 -27.05 -14.56 29.85
CA CYS C 221 -27.21 -14.31 31.28
C CYS C 221 -25.88 -14.01 31.96
N ALA C 222 -24.89 -13.53 31.20
CA ALA C 222 -23.55 -13.21 31.69
C ALA C 222 -22.82 -14.43 32.26
N THR C 223 -23.35 -15.63 32.04
CA THR C 223 -22.68 -16.85 32.50
C THR C 223 -22.80 -17.98 31.47
N ASP C 224 -23.01 -17.65 30.19
CA ASP C 224 -23.19 -18.63 29.14
C ASP C 224 -21.96 -18.65 28.24
N THR C 225 -21.47 -19.86 27.94
CA THR C 225 -20.32 -20.03 27.07
C THR C 225 -20.72 -20.14 25.60
N ASN C 226 -22.01 -20.03 25.28
CA ASN C 226 -22.48 -20.13 23.91
C ASN C 226 -22.29 -18.84 23.11
N ASN C 227 -21.75 -17.78 23.74
CA ASN C 227 -21.51 -16.54 23.03
C ASN C 227 -20.54 -16.75 21.88
N ALA C 228 -19.52 -17.60 22.08
CA ALA C 228 -18.57 -17.89 21.01
C ALA C 228 -19.26 -18.55 19.83
N GLN C 229 -20.18 -19.51 20.09
CA GLN C 229 -20.89 -20.15 19.00
C GLN C 229 -21.83 -19.18 18.30
N VAL C 230 -22.47 -18.28 19.06
CA VAL C 230 -23.34 -17.29 18.44
C VAL C 230 -22.54 -16.38 17.53
N ILE C 231 -21.38 -15.92 18.00
CA ILE C 231 -20.50 -15.09 17.17
C ILE C 231 -20.05 -15.86 15.95
N PHE C 232 -19.73 -17.14 16.11
CA PHE C 232 -19.30 -17.94 14.98
C PHE C 232 -20.39 -18.03 13.92
N ASP C 233 -21.63 -18.29 14.34
CA ASP C 233 -22.73 -18.40 13.37
C ASP C 233 -22.95 -17.07 12.66
N ALA C 234 -22.96 -15.97 13.42
CA ALA C 234 -23.18 -14.66 12.81
C ALA C 234 -22.06 -14.31 11.84
N VAL C 235 -20.81 -14.60 12.21
CA VAL C 235 -19.68 -14.27 11.36
C VAL C 235 -19.66 -15.14 10.10
N THR C 236 -20.06 -16.42 10.22
CA THR C 236 -20.17 -17.23 9.01
C THR C 236 -21.22 -16.67 8.07
N ASP C 237 -22.37 -16.28 8.61
CA ASP C 237 -23.40 -15.68 7.76
C ASP C 237 -22.91 -14.40 7.10
N ILE C 238 -22.23 -13.56 7.87
CA ILE C 238 -21.74 -12.28 7.34
C ILE C 238 -20.66 -12.52 6.29
N ILE C 239 -19.81 -13.54 6.51
CA ILE C 239 -18.78 -13.87 5.54
C ILE C 239 -19.41 -14.29 4.21
N ILE C 240 -20.42 -15.16 4.29
CA ILE C 240 -21.09 -15.59 3.06
C ILE C 240 -21.72 -14.40 2.36
N ALA C 241 -22.41 -13.54 3.12
CA ALA C 241 -23.08 -12.39 2.50
C ALA C 241 -22.08 -11.42 1.88
N ASN C 242 -20.98 -11.14 2.57
CA ASN C 242 -20.00 -10.20 2.05
C ASN C 242 -19.30 -10.75 0.82
N ASN C 243 -18.96 -12.04 0.83
CA ASN C 243 -18.32 -12.63 -0.35
C ASN C 243 -19.28 -12.71 -1.53
N LEU C 244 -20.57 -12.94 -1.27
CA LEU C 244 -21.54 -12.90 -2.35
C LEU C 244 -21.70 -11.49 -2.91
N ARG C 245 -21.67 -10.48 -2.03
CA ARG C 245 -21.74 -9.10 -2.51
C ARG C 245 -20.52 -8.73 -3.34
N GLY C 246 -19.34 -9.21 -2.93
CA GLY C 246 -18.14 -8.90 -3.68
C GLY C 246 -18.16 -9.50 -5.07
N CYS C 247 -18.74 -10.69 -5.23
CA CYS C 247 -18.85 -11.33 -6.52
C CYS C 247 -19.99 -10.78 -7.36
N GLY C 248 -20.83 -9.92 -6.80
CA GLY C 248 -21.98 -9.39 -7.49
C GLY C 248 -23.21 -10.25 -7.43
N LEU C 249 -23.13 -11.44 -6.85
CA LEU C 249 -24.24 -12.37 -6.76
C LEU C 249 -25.24 -11.98 -5.68
N TYR C 250 -24.91 -11.02 -4.82
CA TYR C 250 -25.80 -10.62 -3.73
C TYR C 250 -26.47 -9.29 -4.07
N GLU D 13 -18.39 34.45 42.22
CA GLU D 13 -17.43 35.06 41.32
C GLU D 13 -17.53 34.48 39.92
N LEU D 14 -18.40 33.48 39.76
CA LEU D 14 -18.58 32.84 38.46
C LEU D 14 -19.13 33.82 37.43
N ASP D 15 -20.12 34.62 37.82
CA ASP D 15 -20.69 35.60 36.89
C ASP D 15 -19.66 36.64 36.50
N GLN D 16 -18.89 37.14 37.48
CA GLN D 16 -17.87 38.13 37.18
C GLN D 16 -16.78 37.55 36.28
N LEU D 17 -16.38 36.30 36.53
CA LEU D 17 -15.36 35.68 35.68
C LEU D 17 -15.87 35.47 34.27
N ARG D 18 -17.13 35.04 34.12
CA ARG D 18 -17.71 34.86 32.79
C ARG D 18 -17.81 36.18 32.06
N GLN D 19 -18.21 37.24 32.76
CA GLN D 19 -18.26 38.57 32.14
C GLN D 19 -16.89 39.04 31.72
N GLU D 20 -15.87 38.79 32.55
CA GLU D 20 -14.50 39.17 32.19
C GLU D 20 -14.02 38.40 30.97
N ALA D 21 -14.34 37.10 30.89
CA ALA D 21 -13.94 36.31 29.74
C ALA D 21 -14.64 36.80 28.47
N GLU D 22 -15.94 37.12 28.57
CA GLU D 22 -16.65 37.64 27.41
C GLU D 22 -16.09 38.98 26.97
N GLN D 23 -15.75 39.85 27.93
CA GLN D 23 -15.15 41.14 27.59
C GLN D 23 -13.79 40.96 26.93
N LEU D 24 -12.98 40.02 27.43
CA LEU D 24 -11.69 39.75 26.81
C LEU D 24 -11.86 39.24 25.38
N LYS D 25 -12.82 38.34 25.17
CA LYS D 25 -13.08 37.85 23.81
C LYS D 25 -13.53 38.98 22.89
N ASN D 26 -14.40 39.86 23.40
CA ASN D 26 -14.84 41.00 22.60
C ASN D 26 -13.67 41.92 22.28
N GLN D 27 -12.78 42.15 23.23
CA GLN D 27 -11.61 42.99 22.98
C GLN D 27 -10.69 42.35 21.94
N ILE D 28 -10.51 41.03 22.01
CA ILE D 28 -9.68 40.34 21.02
C ILE D 28 -10.30 40.47 19.63
N ARG D 29 -11.62 40.29 19.54
CA ARG D 29 -12.29 40.43 18.25
C ARG D 29 -12.18 41.85 17.72
N ASP D 30 -12.32 42.84 18.60
CA ASP D 30 -12.19 44.24 18.17
C ASP D 30 -10.79 44.53 17.68
N ALA D 31 -9.76 44.01 18.37
CA ALA D 31 -8.39 44.22 17.92
C ALA D 31 -8.14 43.54 16.58
N ARG D 32 -8.67 42.33 16.39
CA ARG D 32 -8.51 41.63 15.12
C ARG D 32 -9.18 42.41 13.99
N LYS D 33 -10.37 42.96 14.25
CA LYS D 33 -11.04 43.78 13.24
C LYS D 33 -10.26 45.04 12.95
N ALA D 34 -9.72 45.69 13.99
CA ALA D 34 -8.95 46.92 13.80
C ALA D 34 -7.70 46.66 12.96
N CYS D 35 -7.02 45.54 13.20
CA CYS D 35 -5.85 45.20 12.40
C CYS D 35 -6.21 44.84 10.96
N ALA D 36 -7.48 44.65 10.65
CA ALA D 36 -7.92 44.30 9.31
C ALA D 36 -8.18 45.58 8.52
N ASP D 37 -7.32 45.85 7.54
CA ASP D 37 -7.47 47.01 6.67
C ASP D 37 -7.75 46.64 5.23
N ALA D 38 -7.31 45.47 4.77
CA ALA D 38 -7.55 45.04 3.40
C ALA D 38 -7.48 43.53 3.35
N THR D 39 -7.99 42.96 2.26
CA THR D 39 -8.00 41.52 2.07
C THR D 39 -6.83 41.09 1.19
N LEU D 40 -6.53 39.79 1.23
CA LEU D 40 -5.46 39.26 0.40
C LEU D 40 -5.80 39.37 -1.07
N SER D 41 -7.07 39.14 -1.42
CA SER D 41 -7.48 39.20 -2.82
C SER D 41 -7.40 40.64 -3.35
N GLN D 42 -7.71 41.62 -2.50
CA GLN D 42 -7.63 43.01 -2.93
C GLN D 42 -6.21 43.40 -3.30
N ILE D 43 -5.21 42.75 -2.72
CA ILE D 43 -3.82 43.09 -2.98
C ILE D 43 -3.21 42.23 -4.08
N THR D 44 -3.53 40.93 -4.11
CA THR D 44 -2.95 40.02 -5.08
C THR D 44 -3.84 39.80 -6.29
N ASN D 45 -4.79 40.70 -6.56
CA ASN D 45 -5.56 40.59 -7.79
C ASN D 45 -4.78 41.07 -9.00
N ASN D 46 -3.86 42.02 -8.80
CA ASN D 46 -3.14 42.61 -9.92
C ASN D 46 -2.04 41.71 -10.47
N ILE D 47 -1.61 40.71 -9.71
CA ILE D 47 -0.53 39.84 -10.15
C ILE D 47 -1.06 38.82 -11.15
N ASP D 48 -0.20 38.40 -12.06
CA ASP D 48 -0.60 37.46 -13.10
C ASP D 48 -0.88 36.09 -12.48
N PRO D 49 -1.90 35.38 -12.98
CA PRO D 49 -2.19 34.05 -12.44
C PRO D 49 -1.12 33.04 -12.84
N VAL D 50 -1.07 31.95 -12.07
CA VAL D 50 -0.08 30.90 -12.33
C VAL D 50 -0.47 30.01 -13.49
N GLY D 51 -1.58 30.28 -14.16
CA GLY D 51 -2.00 29.47 -15.28
C GLY D 51 -2.61 28.16 -14.83
N ARG D 52 -2.54 27.18 -15.73
CA ARG D 52 -3.04 25.84 -15.45
C ARG D 52 -1.87 24.96 -15.02
N ILE D 53 -1.84 24.61 -13.73
CA ILE D 53 -0.77 23.77 -13.19
C ILE D 53 -1.22 22.33 -13.42
N GLN D 54 -0.81 21.77 -14.56
CA GLN D 54 -1.21 20.41 -14.95
C GLN D 54 -0.14 19.42 -14.49
N MET D 55 -0.14 19.17 -13.18
CA MET D 55 0.78 18.19 -12.62
C MET D 55 0.37 16.78 -13.05
N ARG D 56 1.37 15.97 -13.34
CA ARG D 56 1.16 14.61 -13.83
C ARG D 56 1.90 13.61 -12.96
N THR D 57 1.26 12.48 -12.67
CA THR D 57 1.87 11.46 -11.85
C THR D 57 3.15 10.94 -12.50
N ARG D 58 4.26 11.06 -11.79
CA ARG D 58 5.52 10.51 -12.28
C ARG D 58 5.81 9.14 -11.71
N ARG D 59 5.48 8.92 -10.44
CA ARG D 59 5.69 7.64 -9.78
C ARG D 59 4.43 7.25 -9.03
N THR D 60 4.23 5.95 -8.89
CA THR D 60 3.11 5.40 -8.11
C THR D 60 3.66 4.31 -7.21
N LEU D 61 3.74 4.59 -5.91
CA LEU D 61 4.29 3.65 -4.95
C LEU D 61 3.22 2.65 -4.57
N ARG D 62 3.23 1.48 -5.22
CA ARG D 62 2.23 0.45 -5.01
C ARG D 62 2.71 -0.58 -3.98
N GLY D 63 3.00 -0.10 -2.77
CA GLY D 63 3.48 -0.99 -1.73
C GLY D 63 2.44 -1.42 -0.72
N HIS D 64 1.70 -0.47 -0.16
CA HIS D 64 0.81 -0.76 0.94
C HIS D 64 -0.40 -1.58 0.47
N LEU D 65 -1.00 -2.30 1.41
CA LEU D 65 -2.15 -3.14 1.13
C LEU D 65 -3.45 -2.61 1.73
N ALA D 66 -3.39 -1.64 2.64
CA ALA D 66 -4.59 -1.08 3.24
C ALA D 66 -4.60 0.43 3.10
N LYS D 67 -5.53 1.09 3.79
CA LYS D 67 -5.63 2.54 3.75
C LYS D 67 -4.32 3.18 4.21
N ILE D 68 -3.85 4.16 3.46
CA ILE D 68 -2.67 4.93 3.86
C ILE D 68 -3.16 6.15 4.63
N TYR D 69 -2.71 6.28 5.87
CA TYR D 69 -3.20 7.35 6.74
C TYR D 69 -2.22 8.49 6.93
N ALA D 70 -0.93 8.27 6.69
CA ALA D 70 0.04 9.35 6.80
C ALA D 70 1.25 9.04 5.92
N MET D 71 2.00 10.09 5.62
CA MET D 71 3.23 9.96 4.86
C MET D 71 4.06 11.21 5.11
N HIS D 72 5.37 11.05 5.26
CA HIS D 72 6.26 12.16 5.52
C HIS D 72 7.48 12.05 4.63
N TRP D 73 8.09 13.21 4.38
CA TRP D 73 9.25 13.33 3.49
C TRP D 73 10.53 13.47 4.31
N GLY D 74 11.59 12.84 3.84
CA GLY D 74 12.89 13.08 4.40
C GLY D 74 13.41 14.46 4.06
N THR D 75 14.42 14.90 4.82
CA THR D 75 15.00 16.22 4.56
C THR D 75 15.78 16.28 3.27
N ASP D 76 16.08 15.14 2.65
CA ASP D 76 16.85 15.10 1.42
C ASP D 76 15.98 15.15 0.18
N SER D 77 14.66 15.25 0.33
CA SER D 77 13.68 15.35 -0.75
C SER D 77 13.57 14.08 -1.57
N ARG D 78 14.24 13.00 -1.17
CA ARG D 78 14.18 11.74 -1.89
C ARG D 78 13.50 10.62 -1.12
N LEU D 79 13.78 10.49 0.16
CA LEU D 79 13.21 9.44 0.98
C LEU D 79 11.87 9.88 1.57
N LEU D 80 10.92 8.94 1.61
CA LEU D 80 9.61 9.20 2.20
C LEU D 80 9.21 8.01 3.05
N VAL D 81 8.61 8.29 4.20
CA VAL D 81 8.06 7.27 5.08
C VAL D 81 6.54 7.28 4.92
N SER D 82 5.95 6.10 4.80
CA SER D 82 4.51 5.97 4.61
C SER D 82 3.98 4.93 5.58
N ALA D 83 3.10 5.36 6.48
CA ALA D 83 2.48 4.48 7.47
C ALA D 83 1.05 4.19 7.05
N SER D 84 0.72 2.91 6.93
CA SER D 84 -0.60 2.47 6.51
C SER D 84 -1.32 1.79 7.65
N GLN D 85 -2.55 1.36 7.38
CA GLN D 85 -3.38 0.67 8.35
C GLN D 85 -3.06 -0.82 8.43
N ASP D 86 -2.25 -1.33 7.50
CA ASP D 86 -1.87 -2.74 7.49
C ASP D 86 -0.78 -3.07 8.50
N GLY D 87 -0.50 -2.18 9.45
CA GLY D 87 0.54 -2.42 10.43
C GLY D 87 1.95 -2.32 9.89
N LYS D 88 2.15 -1.57 8.80
CA LYS D 88 3.47 -1.40 8.20
C LYS D 88 3.73 0.08 7.97
N LEU D 89 4.99 0.48 8.18
CA LEU D 89 5.46 1.83 7.87
C LEU D 89 6.66 1.69 6.95
N ILE D 90 6.40 1.62 5.65
CA ILE D 90 7.45 1.46 4.65
C ILE D 90 8.13 2.81 4.43
N ILE D 91 9.44 2.76 4.17
CA ILE D 91 10.22 3.93 3.81
C ILE D 91 10.51 3.87 2.32
N TRP D 92 10.22 4.95 1.62
CA TRP D 92 10.14 4.96 0.15
C TRP D 92 11.31 5.73 -0.43
N ASP D 93 11.95 5.15 -1.45
CA ASP D 93 12.91 5.85 -2.29
C ASP D 93 12.14 6.38 -3.49
N SER D 94 11.85 7.68 -3.48
CA SER D 94 10.90 8.24 -4.44
C SER D 94 11.43 8.15 -5.87
N TYR D 95 12.71 8.43 -6.08
CA TYR D 95 13.24 8.49 -7.44
C TYR D 95 13.11 7.15 -8.15
N THR D 96 13.41 6.05 -7.46
CA THR D 96 13.39 4.73 -8.04
C THR D 96 12.17 3.90 -7.64
N THR D 97 11.28 4.46 -6.82
CA THR D 97 10.13 3.75 -6.28
C THR D 97 10.54 2.48 -5.54
N ASN D 98 11.74 2.46 -4.99
CA ASN D 98 12.23 1.30 -4.25
C ASN D 98 11.84 1.40 -2.79
N LYS D 99 11.69 0.25 -2.16
CA LYS D 99 11.40 0.16 -0.73
C LYS D 99 12.70 -0.12 0.01
N VAL D 100 13.01 0.70 1.01
CA VAL D 100 14.24 0.59 1.77
C VAL D 100 14.01 -0.03 3.15
N HIS D 101 12.87 0.26 3.78
CA HIS D 101 12.55 -0.28 5.08
C HIS D 101 11.08 -0.68 5.10
N ALA D 102 10.77 -1.70 5.90
CA ALA D 102 9.38 -2.14 6.12
C ALA D 102 9.27 -2.50 7.59
N ILE D 103 8.82 -1.54 8.40
CA ILE D 103 8.83 -1.65 9.85
C ILE D 103 7.48 -2.22 10.28
N PRO D 104 7.43 -3.44 10.82
CA PRO D 104 6.16 -3.98 11.32
C PRO D 104 5.79 -3.33 12.65
N LEU D 105 4.56 -2.86 12.74
CA LEU D 105 4.09 -2.12 13.91
C LEU D 105 3.39 -3.07 14.88
N ARG D 106 3.61 -2.83 16.17
CA ARG D 106 2.94 -3.62 17.20
C ARG D 106 1.43 -3.39 17.14
N SER D 107 1.01 -2.15 16.94
CA SER D 107 -0.40 -1.80 16.80
C SER D 107 -0.65 -1.27 15.40
N SER D 108 -1.61 -1.88 14.70
CA SER D 108 -1.91 -1.52 13.31
C SER D 108 -2.84 -0.32 13.19
N TRP D 109 -3.32 0.23 14.29
CA TRP D 109 -4.24 1.38 14.25
C TRP D 109 -3.45 2.67 14.37
N VAL D 110 -2.70 2.96 13.31
CA VAL D 110 -1.81 4.12 13.27
C VAL D 110 -2.38 5.14 12.29
N MET D 111 -2.35 6.41 12.70
CA MET D 111 -2.90 7.48 11.88
C MET D 111 -1.95 8.67 11.81
N THR D 112 -0.66 8.43 11.97
CA THR D 112 0.35 9.47 11.83
C THR D 112 1.71 8.80 11.67
N CYS D 113 2.66 9.57 11.15
CA CYS D 113 4.05 9.14 11.05
C CYS D 113 4.91 10.35 10.78
N ALA D 114 6.18 10.26 11.18
CA ALA D 114 7.13 11.34 11.02
C ALA D 114 8.46 10.77 10.56
N TYR D 115 9.24 11.61 9.89
CA TYR D 115 10.59 11.27 9.46
C TYR D 115 11.52 12.33 10.02
N ALA D 116 12.49 11.92 10.83
CA ALA D 116 13.33 12.88 11.53
C ALA D 116 14.10 13.73 10.53
N PRO D 117 14.32 15.01 10.82
CA PRO D 117 15.08 15.85 9.88
C PRO D 117 16.49 15.34 9.64
N SER D 118 17.14 14.76 10.65
CA SER D 118 18.43 14.13 10.42
C SER D 118 18.32 12.86 9.59
N GLY D 119 17.16 12.21 9.60
CA GLY D 119 16.98 10.97 8.89
C GLY D 119 17.28 9.73 9.69
N ASN D 120 17.47 9.85 11.01
CA ASN D 120 17.82 8.71 11.83
C ASN D 120 16.61 7.99 12.42
N TYR D 121 15.58 8.73 12.81
CA TYR D 121 14.46 8.18 13.55
C TYR D 121 13.16 8.33 12.77
N VAL D 122 12.24 7.39 13.00
CA VAL D 122 10.90 7.42 12.44
C VAL D 122 9.92 7.28 13.60
N ALA D 123 8.94 8.16 13.67
CA ALA D 123 7.89 8.09 14.66
C ALA D 123 6.61 7.58 14.03
N CYS D 124 5.75 6.98 14.86
CA CYS D 124 4.47 6.46 14.38
C CYS D 124 3.58 6.21 15.59
N GLY D 125 2.31 6.60 15.48
CA GLY D 125 1.37 6.46 16.57
C GLY D 125 -0.04 6.39 16.03
N GLY D 126 -0.98 6.20 16.95
CA GLY D 126 -2.37 6.05 16.56
C GLY D 126 -3.32 5.78 17.70
N LEU D 127 -4.19 4.79 17.53
CA LEU D 127 -5.21 4.48 18.54
C LEU D 127 -4.62 3.82 19.78
N ASP D 128 -3.34 3.45 19.78
CA ASP D 128 -2.74 2.82 20.93
C ASP D 128 -2.29 3.82 21.99
N ASN D 129 -2.48 5.12 21.75
CA ASN D 129 -2.17 6.23 22.64
C ASN D 129 -0.67 6.46 22.81
N ILE D 130 0.18 5.66 22.18
CA ILE D 130 1.63 5.70 22.41
C ILE D 130 2.30 6.06 21.09
N CYS D 131 3.18 7.06 21.15
CA CYS D 131 4.02 7.40 20.01
C CYS D 131 5.29 6.57 20.06
N SER D 132 5.59 5.86 18.98
CA SER D 132 6.71 4.92 18.93
C SER D 132 7.81 5.50 18.06
N ILE D 133 9.04 5.50 18.57
CA ILE D 133 10.19 6.03 17.87
C ILE D 133 11.07 4.87 17.45
N TYR D 134 11.42 4.82 16.17
CA TYR D 134 12.20 3.73 15.60
C TYR D 134 13.57 4.23 15.17
N ASN D 135 14.58 3.41 15.39
CA ASN D 135 15.97 3.77 15.08
C ASN D 135 16.36 3.12 13.76
N LEU D 136 16.51 3.94 12.72
CA LEU D 136 16.87 3.42 11.40
C LEU D 136 18.36 3.18 11.24
N LYS D 137 19.20 3.79 12.09
CA LYS D 137 20.65 3.70 11.98
C LYS D 137 21.24 2.73 13.00
N THR D 138 20.50 1.67 13.35
CA THR D 138 20.99 0.70 14.31
C THR D 138 22.19 -0.06 13.74
N ARG D 139 23.16 -0.35 14.62
CA ARG D 139 24.33 -1.11 14.18
C ARG D 139 23.96 -2.52 13.78
N GLU D 140 22.94 -3.11 14.41
CA GLU D 140 22.50 -4.44 14.05
C GLU D 140 21.80 -4.48 12.70
N GLY D 141 21.50 -3.35 12.12
CA GLY D 141 20.84 -3.29 10.82
C GLY D 141 19.33 -3.17 10.86
N ASN D 142 18.68 -4.08 11.59
CA ASN D 142 17.23 -4.04 11.70
C ASN D 142 16.77 -2.77 12.41
N VAL D 143 15.56 -2.33 12.10
CA VAL D 143 15.00 -1.13 12.70
C VAL D 143 14.36 -1.51 14.02
N ARG D 144 14.83 -0.91 15.10
CA ARG D 144 14.41 -1.25 16.46
C ARG D 144 13.59 -0.11 17.05
N VAL D 145 12.63 -0.48 17.90
CA VAL D 145 11.81 0.51 18.59
C VAL D 145 12.62 1.09 19.72
N SER D 146 13.31 2.21 19.45
CA SER D 146 14.17 2.80 20.47
C SER D 146 13.38 3.29 21.67
N ARG D 147 12.15 3.77 21.45
CA ARG D 147 11.32 4.26 22.54
C ARG D 147 9.86 4.09 22.16
N GLU D 148 9.01 4.02 23.18
CA GLU D 148 7.55 3.98 23.02
C GLU D 148 6.98 4.99 24.01
N LEU D 149 6.72 6.20 23.51
CA LEU D 149 6.33 7.31 24.38
C LEU D 149 4.88 7.11 24.84
N ALA D 150 4.72 6.75 26.11
CA ALA D 150 3.40 6.56 26.70
C ALA D 150 3.07 7.73 27.62
N GLY D 151 1.77 7.98 27.78
CA GLY D 151 1.32 9.06 28.63
C GLY D 151 0.07 9.75 28.14
N HIS D 152 -0.25 9.58 26.86
CA HIS D 152 -1.47 10.14 26.31
C HIS D 152 -2.64 9.21 26.60
N THR D 153 -3.80 9.81 26.90
CA THR D 153 -5.01 9.06 27.18
C THR D 153 -5.89 8.92 25.94
N GLY D 154 -5.52 9.56 24.83
CA GLY D 154 -6.30 9.48 23.61
C GLY D 154 -5.39 9.15 22.44
N TYR D 155 -6.03 8.88 21.30
CA TYR D 155 -5.30 8.49 20.11
C TYR D 155 -4.33 9.59 19.68
N LEU D 156 -3.10 9.19 19.36
CA LEU D 156 -2.12 10.14 18.86
C LEU D 156 -2.42 10.44 17.40
N SER D 157 -2.65 11.71 17.08
CA SER D 157 -3.07 12.10 15.75
C SER D 157 -1.96 12.71 14.92
N CYS D 158 -0.94 13.29 15.54
CA CYS D 158 0.17 13.86 14.80
C CYS D 158 1.41 13.83 15.66
N CYS D 159 2.58 13.86 15.00
CA CYS D 159 3.85 13.83 15.70
C CYS D 159 4.92 14.34 14.75
N ARG D 160 5.70 15.33 15.19
CA ARG D 160 6.76 15.91 14.38
C ARG D 160 8.04 15.98 15.19
N PHE D 161 9.16 15.82 14.49
CA PHE D 161 10.48 15.78 15.13
C PHE D 161 11.10 17.16 15.12
N LEU D 162 11.54 17.62 16.29
CA LEU D 162 12.34 18.83 16.37
C LEU D 162 13.83 18.53 16.20
N ASP D 163 14.29 17.43 16.78
CA ASP D 163 15.64 16.91 16.56
C ASP D 163 15.59 15.42 16.86
N ASP D 164 16.77 14.80 16.98
CA ASP D 164 16.80 13.37 17.27
C ASP D 164 16.29 13.04 18.68
N ASN D 165 16.29 14.01 19.58
CA ASN D 165 15.83 13.80 20.96
C ASN D 165 14.42 14.31 21.18
N GLN D 166 14.19 15.59 20.90
CA GLN D 166 12.87 16.17 21.12
C GLN D 166 11.88 15.66 20.07
N ILE D 167 10.60 15.71 20.43
CA ILE D 167 9.51 15.39 19.52
C ILE D 167 8.22 15.93 20.13
N VAL D 168 7.37 16.49 19.29
CA VAL D 168 6.08 17.04 19.69
C VAL D 168 4.98 16.17 19.09
N THR D 169 4.00 15.82 19.92
CA THR D 169 2.93 14.92 19.51
C THR D 169 1.58 15.56 19.81
N SER D 170 0.62 15.34 18.92
CA SER D 170 -0.75 15.79 19.08
C SER D 170 -1.65 14.59 19.24
N SER D 171 -2.47 14.59 20.29
CA SER D 171 -3.28 13.43 20.62
C SER D 171 -4.76 13.78 20.67
N GLY D 172 -5.58 12.75 20.67
CA GLY D 172 -7.01 12.90 20.76
C GLY D 172 -7.54 13.22 22.14
N ASP D 173 -6.67 13.26 23.14
CA ASP D 173 -7.06 13.64 24.50
C ASP D 173 -7.03 15.13 24.73
N THR D 174 -7.18 15.93 23.65
CA THR D 174 -7.26 17.38 23.67
C THR D 174 -5.97 18.06 24.13
N THR D 175 -4.85 17.34 24.19
CA THR D 175 -3.60 17.90 24.65
C THR D 175 -2.48 17.58 23.67
N CYS D 176 -1.56 18.53 23.51
CA CYS D 176 -0.32 18.31 22.79
C CYS D 176 0.81 18.15 23.80
N ALA D 177 1.78 17.30 23.48
CA ALA D 177 2.85 16.98 24.42
C ALA D 177 4.20 17.02 23.72
N LEU D 178 5.14 17.75 24.29
CA LEU D 178 6.52 17.74 23.84
C LEU D 178 7.30 16.73 24.66
N TRP D 179 7.91 15.76 23.99
CA TRP D 179 8.62 14.68 24.66
C TRP D 179 10.12 14.82 24.48
N ASP D 180 10.86 14.00 25.21
CA ASP D 180 12.30 13.83 25.04
C ASP D 180 12.55 12.34 24.87
N ILE D 181 12.92 11.93 23.64
CA ILE D 181 13.00 10.51 23.31
C ILE D 181 14.01 9.78 24.17
N GLU D 182 14.99 10.48 24.74
CA GLU D 182 15.95 9.83 25.62
C GLU D 182 15.31 9.46 26.95
N THR D 183 14.81 10.45 27.69
CA THR D 183 14.18 10.19 28.98
C THR D 183 12.79 9.59 28.82
N GLY D 184 12.17 9.73 27.65
CA GLY D 184 10.84 9.20 27.44
C GLY D 184 9.78 9.83 28.33
N GLN D 185 9.85 11.15 28.52
CA GLN D 185 8.94 11.86 29.39
C GLN D 185 8.46 13.13 28.71
N GLN D 186 7.27 13.59 29.12
CA GLN D 186 6.71 14.84 28.63
C GLN D 186 7.48 16.00 29.26
N THR D 187 8.41 16.57 28.51
CA THR D 187 9.11 17.76 28.98
C THR D 187 8.13 18.91 29.19
N THR D 188 7.20 19.08 28.26
CA THR D 188 6.16 20.09 28.36
C THR D 188 4.87 19.50 27.83
N THR D 189 3.76 19.81 28.50
CA THR D 189 2.44 19.41 28.05
C THR D 189 1.63 20.64 27.69
N PHE D 190 1.00 20.62 26.52
CA PHE D 190 0.23 21.74 26.01
C PHE D 190 -1.25 21.44 26.20
N THR D 191 -1.95 22.32 26.90
CA THR D 191 -3.37 22.16 27.17
C THR D 191 -4.12 23.42 26.76
N GLY D 192 -5.39 23.23 26.40
CA GLY D 192 -6.22 24.35 26.01
C GLY D 192 -7.24 24.04 24.93
N HIS D 193 -7.02 22.97 24.15
CA HIS D 193 -7.99 22.58 23.15
C HIS D 193 -9.19 21.91 23.81
N THR D 194 -10.39 22.29 23.37
CA THR D 194 -11.62 21.74 23.92
C THR D 194 -12.11 20.51 23.19
N GLY D 195 -11.33 20.01 22.22
CA GLY D 195 -11.71 18.82 21.49
C GLY D 195 -10.47 18.09 21.04
N ASP D 196 -10.69 17.01 20.28
CA ASP D 196 -9.57 16.21 19.79
C ASP D 196 -8.66 17.06 18.93
N VAL D 197 -7.35 16.91 19.13
CA VAL D 197 -6.34 17.62 18.36
C VAL D 197 -5.90 16.68 17.23
N MET D 198 -6.39 16.93 16.03
CA MET D 198 -6.25 16.01 14.91
C MET D 198 -5.11 16.34 13.96
N SER D 199 -4.32 17.38 14.24
CA SER D 199 -3.27 17.79 13.32
C SER D 199 -2.23 18.61 14.07
N LEU D 200 -1.08 18.77 13.44
CA LEU D 200 0.04 19.50 14.04
C LEU D 200 1.04 19.87 12.95
N SER D 201 1.62 21.05 13.09
CA SER D 201 2.65 21.51 12.17
C SER D 201 3.67 22.33 12.94
N LEU D 202 4.95 22.00 12.76
CA LEU D 202 6.04 22.69 13.44
C LEU D 202 6.67 23.72 12.50
N ALA D 203 7.00 24.88 13.06
CA ALA D 203 7.57 25.97 12.27
C ALA D 203 8.95 25.58 11.76
N PRO D 204 9.42 26.23 10.69
CA PRO D 204 10.75 25.90 10.17
C PRO D 204 11.87 26.10 11.19
N ASP D 205 11.73 27.05 12.10
CA ASP D 205 12.72 27.23 13.16
C ASP D 205 12.55 26.25 14.31
N THR D 206 11.49 25.44 14.29
CA THR D 206 11.19 24.44 15.30
C THR D 206 11.07 25.04 16.71
N ARG D 207 10.81 26.34 16.79
CA ARG D 207 10.55 26.99 18.07
C ARG D 207 9.07 27.19 18.34
N LEU D 208 8.26 27.26 17.29
CA LEU D 208 6.81 27.41 17.39
C LEU D 208 6.14 26.27 16.63
N PHE D 209 4.90 25.97 17.02
CA PHE D 209 4.12 25.00 16.27
C PHE D 209 2.64 25.25 16.53
N VAL D 210 1.82 24.91 15.54
CA VAL D 210 0.38 25.14 15.60
C VAL D 210 -0.33 23.80 15.44
N SER D 211 -1.42 23.63 16.17
CA SER D 211 -2.20 22.40 16.16
C SER D 211 -3.63 22.70 15.74
N GLY D 212 -4.22 21.80 14.97
CA GLY D 212 -5.60 21.97 14.54
C GLY D 212 -6.53 20.96 15.16
N ALA D 213 -7.36 21.41 16.09
CA ALA D 213 -8.21 20.52 16.86
C ALA D 213 -9.60 20.40 16.23
N CYS D 214 -10.32 19.36 16.66
CA CYS D 214 -11.65 19.07 16.13
C CYS D 214 -12.69 20.08 16.57
N ASP D 215 -12.38 20.97 17.50
CA ASP D 215 -13.31 21.98 17.96
C ASP D 215 -13.35 23.22 17.06
N ALA D 216 -12.93 23.08 15.81
CA ALA D 216 -12.97 24.16 14.83
C ALA D 216 -12.12 25.35 15.27
N SER D 217 -10.91 25.05 15.71
CA SER D 217 -9.96 26.08 16.10
C SER D 217 -8.55 25.57 15.92
N ALA D 218 -7.61 26.49 15.80
CA ALA D 218 -6.18 26.18 15.70
C ALA D 218 -5.41 27.11 16.63
N LYS D 219 -4.59 26.53 17.50
CA LYS D 219 -3.86 27.27 18.51
C LYS D 219 -2.39 27.34 18.16
N LEU D 220 -1.74 28.40 18.63
CA LEU D 220 -0.30 28.59 18.47
C LEU D 220 0.39 28.26 19.78
N TRP D 221 1.38 27.37 19.72
CA TRP D 221 2.12 26.95 20.90
C TRP D 221 3.58 27.36 20.78
N ASP D 222 4.20 27.66 21.92
CA ASP D 222 5.64 27.85 22.01
C ASP D 222 6.25 26.59 22.61
N VAL D 223 7.20 25.98 21.88
CA VAL D 223 7.74 24.70 22.31
C VAL D 223 8.50 24.85 23.63
N ARG D 224 9.18 25.98 23.82
CA ARG D 224 10.01 26.14 25.01
C ARG D 224 9.16 26.38 26.25
N GLU D 225 8.41 27.49 26.28
CA GLU D 225 7.66 27.86 27.47
C GLU D 225 6.36 27.09 27.63
N GLY D 226 5.87 26.48 26.56
CA GLY D 226 4.65 25.68 26.66
C GLY D 226 3.39 26.46 26.94
N MET D 227 3.37 27.76 26.65
CA MET D 227 2.20 28.59 26.86
C MET D 227 1.62 28.99 25.51
N CYS D 228 0.32 28.75 25.33
CA CYS D 228 -0.34 29.12 24.09
C CYS D 228 -0.28 30.62 23.88
N ARG D 229 0.01 31.04 22.64
CA ARG D 229 0.16 32.44 22.31
C ARG D 229 -1.10 33.02 21.68
N GLN D 230 -1.55 32.43 20.58
CA GLN D 230 -2.70 32.94 19.85
C GLN D 230 -3.61 31.80 19.45
N THR D 231 -4.91 32.05 19.49
CA THR D 231 -5.93 31.09 19.09
C THR D 231 -6.59 31.57 17.80
N PHE D 232 -6.53 30.73 16.77
CA PHE D 232 -7.09 31.05 15.46
C PHE D 232 -8.39 30.28 15.26
N THR D 233 -9.46 31.00 14.96
CA THR D 233 -10.77 30.40 14.75
C THR D 233 -11.38 30.96 13.48
N GLY D 234 -12.46 30.32 13.03
CA GLY D 234 -13.13 30.72 11.81
C GLY D 234 -13.68 29.55 11.03
N HIS D 235 -13.22 28.35 11.35
CA HIS D 235 -13.73 27.15 10.72
C HIS D 235 -15.07 26.75 11.33
N GLU D 236 -15.90 26.10 10.52
CA GLU D 236 -17.22 25.67 10.93
C GLU D 236 -17.27 24.18 11.25
N SER D 237 -16.14 23.49 11.21
CA SER D 237 -16.12 22.06 11.45
C SER D 237 -14.72 21.67 11.92
N ASP D 238 -14.53 20.38 12.16
CA ASP D 238 -13.26 19.89 12.70
C ASP D 238 -12.14 20.09 11.69
N ILE D 239 -11.04 20.68 12.14
CA ILE D 239 -9.87 20.85 11.31
C ILE D 239 -9.09 19.54 11.28
N ASN D 240 -8.80 19.05 10.07
CA ASN D 240 -8.13 17.77 9.91
C ASN D 240 -6.68 17.89 9.45
N ALA D 241 -6.23 19.09 9.07
CA ALA D 241 -4.87 19.26 8.59
C ALA D 241 -4.44 20.69 8.82
N ILE D 242 -3.13 20.88 8.98
CA ILE D 242 -2.57 22.21 9.19
C ILE D 242 -1.13 22.20 8.65
N CYS D 243 -0.68 23.36 8.19
CA CYS D 243 0.62 23.47 7.55
C CYS D 243 1.06 24.93 7.54
N PHE D 244 2.33 25.16 7.88
CA PHE D 244 2.88 26.50 7.89
C PHE D 244 3.16 27.01 6.48
N PHE D 245 3.08 28.32 6.32
CA PHE D 245 3.66 28.97 5.16
C PHE D 245 5.18 28.78 5.21
N PRO D 246 5.86 28.62 4.07
CA PRO D 246 7.30 28.34 4.11
C PRO D 246 8.11 29.41 4.80
N ASN D 247 7.65 30.66 4.82
CA ASN D 247 8.32 31.69 5.59
C ASN D 247 8.18 31.48 7.08
N GLY D 248 7.25 30.63 7.52
CA GLY D 248 6.96 30.47 8.93
C GLY D 248 6.13 31.58 9.53
N ASN D 249 5.67 32.52 8.73
CA ASN D 249 4.91 33.68 9.20
C ASN D 249 3.42 33.54 8.98
N ALA D 250 2.96 32.39 8.48
CA ALA D 250 1.55 32.14 8.23
C ALA D 250 1.34 30.64 8.15
N PHE D 251 0.07 30.22 8.22
CA PHE D 251 -0.23 28.81 8.06
C PHE D 251 -1.61 28.65 7.46
N ALA D 252 -1.82 27.49 6.83
CA ALA D 252 -3.10 27.13 6.24
C ALA D 252 -3.67 25.93 6.98
N THR D 253 -4.99 25.94 7.19
CA THR D 253 -5.66 24.92 8.02
C THR D 253 -6.89 24.42 7.28
N GLY D 254 -6.72 23.38 6.47
CA GLY D 254 -7.86 22.75 5.84
C GLY D 254 -8.68 21.96 6.84
N SER D 255 -10.00 21.99 6.67
CA SER D 255 -10.90 21.37 7.63
C SER D 255 -11.92 20.47 6.98
N ASP D 256 -12.91 20.02 7.74
CA ASP D 256 -14.00 19.21 7.23
C ASP D 256 -15.16 20.05 6.71
N ASP D 257 -15.07 21.38 6.81
CA ASP D 257 -16.07 22.28 6.27
C ASP D 257 -15.96 22.45 4.78
N ALA D 258 -15.14 21.62 4.15
CA ALA D 258 -14.87 21.67 2.72
C ALA D 258 -14.18 22.96 2.31
N THR D 259 -13.59 23.69 3.27
CA THR D 259 -12.89 24.93 2.98
C THR D 259 -11.53 24.91 3.66
N CYS D 260 -10.49 25.24 2.91
CA CYS D 260 -9.20 25.56 3.48
C CYS D 260 -9.13 27.05 3.79
N ARG D 261 -8.31 27.41 4.76
CA ARG D 261 -8.18 28.80 5.17
C ARG D 261 -6.70 29.13 5.34
N LEU D 262 -6.37 30.40 5.15
CA LEU D 262 -5.02 30.91 5.35
C LEU D 262 -5.04 31.89 6.50
N PHE D 263 -4.24 31.62 7.53
CA PHE D 263 -4.14 32.48 8.69
C PHE D 263 -2.75 33.10 8.75
N ASP D 264 -2.68 34.31 9.30
CA ASP D 264 -1.43 35.04 9.44
C ASP D 264 -1.06 35.12 10.91
N LEU D 265 0.17 34.71 11.23
CA LEU D 265 0.62 34.75 12.61
C LEU D 265 0.65 36.17 13.15
N ARG D 266 1.16 37.12 12.35
CA ARG D 266 1.26 38.50 12.81
C ARG D 266 -0.09 39.20 12.80
N ALA D 267 -0.92 38.93 11.79
CA ALA D 267 -2.22 39.58 11.69
C ALA D 267 -3.28 38.94 12.58
N ASP D 268 -3.02 37.74 13.10
CA ASP D 268 -3.89 37.08 14.07
C ASP D 268 -5.30 36.85 13.54
N GLN D 269 -5.43 36.57 12.24
CA GLN D 269 -6.75 36.38 11.66
C GLN D 269 -6.61 35.67 10.32
N GLU D 270 -7.74 35.18 9.81
CA GLU D 270 -7.78 34.54 8.52
C GLU D 270 -7.54 35.55 7.41
N LEU D 271 -6.90 35.09 6.34
CA LEU D 271 -6.58 35.93 5.19
C LEU D 271 -7.32 35.53 3.91
N MET D 272 -7.57 34.25 3.70
CA MET D 272 -8.26 33.80 2.49
C MET D 272 -8.81 32.41 2.73
N THR D 273 -10.01 32.16 2.23
CA THR D 273 -10.67 30.86 2.33
C THR D 273 -10.73 30.23 0.95
N TYR D 274 -10.24 28.99 0.84
CA TYR D 274 -10.15 28.31 -0.45
C TYR D 274 -11.36 27.40 -0.60
N SER D 275 -12.51 28.02 -0.86
CA SER D 275 -13.78 27.32 -0.96
C SER D 275 -14.33 27.44 -2.37
N HIS D 276 -14.70 26.30 -2.96
CA HIS D 276 -15.35 26.26 -4.26
C HIS D 276 -16.72 25.62 -4.10
N ASP D 277 -17.74 26.22 -4.73
CA ASP D 277 -19.10 25.76 -4.54
C ASP D 277 -19.29 24.32 -5.02
N ASN D 278 -18.50 23.90 -6.01
CA ASN D 278 -18.57 22.52 -6.49
C ASN D 278 -18.04 21.53 -5.47
N ILE D 279 -17.24 21.98 -4.50
CA ILE D 279 -16.62 21.11 -3.52
C ILE D 279 -17.47 21.09 -2.26
N ILE D 280 -17.78 19.88 -1.78
CA ILE D 280 -18.60 19.72 -0.58
C ILE D 280 -17.92 18.79 0.40
N CYS D 281 -16.88 18.10 -0.05
CA CYS D 281 -16.16 17.15 0.78
C CYS D 281 -15.06 17.83 1.57
N GLY D 282 -14.82 17.33 2.78
CA GLY D 282 -13.85 17.94 3.67
C GLY D 282 -12.41 17.66 3.27
N ILE D 283 -11.51 18.54 3.71
CA ILE D 283 -10.10 18.43 3.41
C ILE D 283 -9.43 17.51 4.43
N THR D 284 -8.62 16.58 3.94
CA THR D 284 -7.84 15.71 4.82
C THR D 284 -6.41 16.18 5.00
N SER D 285 -5.80 16.79 3.99
CA SER D 285 -4.41 17.21 4.06
C SER D 285 -4.24 18.55 3.37
N VAL D 286 -3.32 19.35 3.90
CA VAL D 286 -2.96 20.64 3.32
C VAL D 286 -1.43 20.74 3.32
N SER D 287 -0.88 21.31 2.25
CA SER D 287 0.57 21.43 2.14
C SER D 287 0.90 22.50 1.10
N PHE D 288 1.69 23.49 1.49
CA PHE D 288 2.12 24.54 0.57
C PHE D 288 3.16 24.00 -0.40
N SER D 289 3.71 24.92 -1.20
CA SER D 289 4.83 24.63 -2.08
C SER D 289 6.10 25.28 -1.54
N LYS D 290 7.22 25.06 -2.23
CA LYS D 290 8.48 25.63 -1.77
C LYS D 290 8.46 27.14 -1.79
N SER D 291 7.78 27.75 -2.76
CA SER D 291 7.66 29.19 -2.82
C SER D 291 6.43 29.72 -2.12
N GLY D 292 5.54 28.85 -1.65
CA GLY D 292 4.32 29.29 -0.99
C GLY D 292 3.26 29.83 -1.90
N ARG D 293 3.41 29.68 -3.22
CA ARG D 293 2.43 30.16 -4.18
C ARG D 293 1.31 29.16 -4.43
N LEU D 294 1.52 27.89 -4.08
CA LEU D 294 0.50 26.86 -4.25
C LEU D 294 0.15 26.26 -2.91
N LEU D 295 -1.11 25.89 -2.75
CA LEU D 295 -1.60 25.21 -1.56
C LEU D 295 -2.29 23.94 -2.04
N LEU D 296 -1.52 22.86 -2.19
CA LEU D 296 -2.07 21.58 -2.60
C LEU D 296 -2.85 20.98 -1.44
N ALA D 297 -4.18 20.96 -1.57
CA ALA D 297 -5.06 20.47 -0.52
C ALA D 297 -5.73 19.18 -0.98
N GLY D 298 -5.64 18.15 -0.14
CA GLY D 298 -6.23 16.86 -0.46
C GLY D 298 -7.63 16.76 0.09
N TYR D 299 -8.57 16.38 -0.77
CA TYR D 299 -9.98 16.36 -0.41
C TYR D 299 -10.49 14.93 -0.29
N ASP D 300 -11.52 14.77 0.55
CA ASP D 300 -12.20 13.48 0.68
C ASP D 300 -13.01 13.13 -0.57
N ASP D 301 -13.17 14.07 -1.50
CA ASP D 301 -13.85 13.85 -2.76
C ASP D 301 -13.02 13.06 -3.76
N PHE D 302 -11.94 12.42 -3.29
CA PHE D 302 -11.04 11.54 -4.04
C PHE D 302 -10.10 12.33 -4.94
N ASN D 303 -10.12 13.65 -4.89
CA ASN D 303 -9.26 14.47 -5.73
C ASN D 303 -8.53 15.51 -4.88
N CYS D 304 -7.38 15.94 -5.38
CA CYS D 304 -6.58 16.99 -4.75
C CYS D 304 -6.54 18.19 -5.67
N ASN D 305 -6.85 19.37 -5.13
CA ASN D 305 -6.94 20.59 -5.90
C ASN D 305 -5.78 21.51 -5.53
N VAL D 306 -5.02 21.94 -6.53
CA VAL D 306 -3.95 22.90 -6.35
C VAL D 306 -4.57 24.29 -6.28
N TRP D 307 -4.28 25.01 -5.20
CA TRP D 307 -4.89 26.32 -4.96
C TRP D 307 -3.83 27.41 -5.12
N ASP D 308 -4.20 28.47 -5.83
CA ASP D 308 -3.36 29.67 -5.91
C ASP D 308 -3.41 30.34 -4.55
N ALA D 309 -2.33 30.21 -3.77
CA ALA D 309 -2.34 30.68 -2.39
C ALA D 309 -2.53 32.19 -2.28
N LEU D 310 -2.32 32.93 -3.36
CA LEU D 310 -2.48 34.38 -3.33
C LEU D 310 -3.79 34.87 -3.92
N LYS D 311 -4.37 34.13 -4.88
CA LYS D 311 -5.60 34.54 -5.53
C LYS D 311 -6.79 33.65 -5.19
N ALA D 312 -6.58 32.60 -4.42
CA ALA D 312 -7.63 31.70 -3.92
C ALA D 312 -8.36 30.96 -5.04
N ASP D 313 -7.80 30.90 -6.23
CA ASP D 313 -8.40 30.17 -7.34
C ASP D 313 -7.69 28.84 -7.54
N ARG D 314 -8.44 27.84 -8.01
CA ARG D 314 -7.83 26.58 -8.38
C ARG D 314 -6.97 26.74 -9.62
N ALA D 315 -5.88 25.99 -9.65
CA ALA D 315 -4.98 26.00 -10.80
C ALA D 315 -4.71 24.60 -11.34
N GLY D 316 -5.53 23.63 -10.96
CA GLY D 316 -5.33 22.26 -11.39
C GLY D 316 -5.85 21.29 -10.36
N VAL D 317 -6.18 20.10 -10.82
CA VAL D 317 -6.72 19.05 -9.97
C VAL D 317 -5.82 17.83 -10.11
N LEU D 318 -5.29 17.35 -8.99
CA LEU D 318 -4.46 16.15 -8.98
C LEU D 318 -5.31 14.89 -8.84
N ALA D 319 -6.30 14.77 -9.72
CA ALA D 319 -7.17 13.60 -9.71
C ALA D 319 -6.42 12.37 -10.20
N GLY D 320 -6.84 11.21 -9.72
CA GLY D 320 -6.16 9.98 -10.06
C GLY D 320 -6.15 8.96 -8.93
N HIS D 321 -6.65 9.36 -7.77
CA HIS D 321 -6.79 8.46 -6.64
C HIS D 321 -8.22 7.93 -6.59
N ASP D 322 -8.36 6.61 -6.51
CA ASP D 322 -9.67 5.98 -6.53
C ASP D 322 -10.42 6.11 -5.21
N ASN D 323 -9.77 6.57 -4.14
CA ASN D 323 -10.41 6.75 -2.85
C ASN D 323 -9.94 8.06 -2.24
N ARG D 324 -10.40 8.32 -1.02
CA ARG D 324 -10.07 9.57 -0.34
C ARG D 324 -8.58 9.67 -0.11
N VAL D 325 -8.02 10.85 -0.40
CA VAL D 325 -6.61 11.10 -0.11
C VAL D 325 -6.48 11.52 1.34
N SER D 326 -5.58 10.87 2.08
CA SER D 326 -5.44 11.10 3.51
C SER D 326 -4.22 11.93 3.88
N CYS D 327 -3.24 12.05 2.99
CA CYS D 327 -2.02 12.77 3.30
C CYS D 327 -1.45 13.38 2.03
N LEU D 328 -0.72 14.49 2.20
CA LEU D 328 -0.08 15.17 1.09
C LEU D 328 1.12 15.94 1.63
N GLY D 329 2.16 16.05 0.82
CA GLY D 329 3.33 16.80 1.22
C GLY D 329 4.35 17.00 0.11
N VAL D 330 4.78 18.24 -0.10
CA VAL D 330 5.80 18.51 -1.10
C VAL D 330 7.17 18.20 -0.53
N THR D 331 8.14 18.02 -1.41
CA THR D 331 9.50 17.75 -0.99
C THR D 331 10.14 19.02 -0.45
N ASP D 332 11.31 18.87 0.18
CA ASP D 332 12.01 20.03 0.74
C ASP D 332 12.48 20.96 -0.37
N ASP D 333 12.93 20.40 -1.49
CA ASP D 333 13.33 21.21 -2.64
C ASP D 333 12.16 21.54 -3.56
N GLY D 334 10.96 21.08 -3.24
CA GLY D 334 9.78 21.41 -4.02
C GLY D 334 9.68 20.70 -5.35
N MET D 335 10.52 19.70 -5.60
CA MET D 335 10.55 19.06 -6.90
C MET D 335 9.36 18.12 -7.13
N ALA D 336 8.58 17.81 -6.11
CA ALA D 336 7.50 16.85 -6.28
C ALA D 336 6.46 17.04 -5.20
N VAL D 337 5.29 16.45 -5.44
CA VAL D 337 4.20 16.36 -4.48
C VAL D 337 3.83 14.89 -4.33
N ALA D 338 3.75 14.41 -3.10
CA ALA D 338 3.32 13.04 -2.82
C ALA D 338 1.96 13.08 -2.15
N THR D 339 1.03 12.28 -2.66
CA THR D 339 -0.31 12.19 -2.10
C THR D 339 -0.60 10.73 -1.78
N GLY D 340 -0.94 10.45 -0.53
CA GLY D 340 -1.44 9.14 -0.16
C GLY D 340 -2.95 9.12 -0.17
N SER D 341 -3.51 7.92 -0.18
CA SER D 341 -4.96 7.78 -0.22
C SER D 341 -5.36 6.43 0.33
N TRP D 342 -6.66 6.28 0.60
CA TRP D 342 -7.18 5.03 1.15
C TRP D 342 -7.18 3.90 0.14
N ASP D 343 -6.90 4.18 -1.13
CA ASP D 343 -6.76 3.14 -2.14
C ASP D 343 -5.42 2.42 -2.07
N SER D 344 -4.60 2.73 -1.07
CA SER D 344 -3.31 2.09 -0.76
C SER D 344 -2.20 2.49 -1.71
N PHE D 345 -2.36 3.55 -2.49
CA PHE D 345 -1.33 3.99 -3.42
C PHE D 345 -0.86 5.40 -3.08
N LEU D 346 0.44 5.59 -3.13
CA LEU D 346 1.06 6.90 -2.97
C LEU D 346 1.61 7.33 -4.33
N LYS D 347 1.17 8.48 -4.81
CA LYS D 347 1.51 8.96 -6.14
C LYS D 347 2.39 10.20 -6.05
N ILE D 348 3.45 10.23 -6.85
CA ILE D 348 4.38 11.36 -6.90
C ILE D 348 3.99 12.22 -8.09
N TRP D 349 3.60 13.47 -7.82
CA TRP D 349 3.13 14.38 -8.85
C TRP D 349 4.18 15.45 -9.10
N ASN D 350 4.36 15.81 -10.38
CA ASN D 350 5.38 16.77 -10.75
C ASN D 350 5.02 17.50 -12.03
N ALA E 7 -12.72 24.25 42.22
CA ALA E 7 -13.98 24.21 41.47
C ALA E 7 -13.83 24.90 40.13
N SER E 8 -14.94 25.44 39.62
CA SER E 8 -14.91 26.15 38.35
C SER E 8 -14.22 27.51 38.45
N ILE E 9 -13.97 28.01 39.66
CA ILE E 9 -13.31 29.29 39.82
C ILE E 9 -11.90 29.25 39.25
N ALA E 10 -11.16 28.17 39.52
CA ALA E 10 -9.80 28.05 39.00
C ALA E 10 -9.80 27.96 37.48
N GLN E 11 -10.74 27.20 36.91
CA GLN E 11 -10.84 27.09 35.46
C GLN E 11 -11.16 28.45 34.83
N ALA E 12 -12.09 29.19 35.42
CA ALA E 12 -12.44 30.50 34.90
C ALA E 12 -11.26 31.47 35.00
N ARG E 13 -10.53 31.42 36.11
CA ARG E 13 -9.36 32.28 36.26
C ARG E 13 -8.29 31.94 35.24
N LYS E 14 -8.07 30.65 35.00
CA LYS E 14 -7.09 30.24 33.98
C LYS E 14 -7.52 30.70 32.59
N LEU E 15 -8.81 30.58 32.28
CA LEU E 15 -9.32 31.03 30.98
C LEU E 15 -9.14 32.53 30.83
N VAL E 16 -9.43 33.29 31.89
CA VAL E 16 -9.28 34.74 31.84
C VAL E 16 -7.81 35.11 31.64
N GLU E 17 -6.90 34.44 32.35
CA GLU E 17 -5.48 34.72 32.19
C GLU E 17 -5.01 34.39 30.78
N GLN E 18 -5.49 33.28 30.22
CA GLN E 18 -5.11 32.93 28.85
C GLN E 18 -5.62 33.96 27.86
N LEU E 19 -6.86 34.41 28.03
CA LEU E 19 -7.41 35.42 27.13
C LEU E 19 -6.65 36.74 27.25
N LYS E 20 -6.28 37.12 28.47
CA LYS E 20 -5.50 38.35 28.66
C LYS E 20 -4.13 38.22 28.01
N MET E 21 -3.49 37.06 28.15
CA MET E 21 -2.19 36.85 27.51
C MET E 21 -2.30 36.91 26.00
N GLU E 22 -3.35 36.31 25.44
CA GLU E 22 -3.56 36.36 24.00
C GLU E 22 -3.81 37.78 23.52
N ALA E 23 -4.58 38.56 24.29
CA ALA E 23 -4.87 39.94 23.90
C ALA E 23 -3.67 40.86 24.04
N ASN E 24 -2.64 40.44 24.78
CA ASN E 24 -1.48 41.31 24.99
C ASN E 24 -0.59 41.40 23.76
N ILE E 25 -0.69 40.46 22.83
CA ILE E 25 0.18 40.46 21.66
C ILE E 25 -0.25 41.56 20.70
N ASP E 26 0.74 42.29 20.18
CA ASP E 26 0.48 43.33 19.20
C ASP E 26 0.27 42.73 17.82
N ARG E 27 -0.44 43.45 16.97
CA ARG E 27 -0.78 42.98 15.64
C ARG E 27 -0.37 44.01 14.59
N ILE E 28 -0.11 43.52 13.39
CA ILE E 28 0.20 44.37 12.26
C ILE E 28 -1.01 44.46 11.35
N LYS E 29 -1.00 45.40 10.43
CA LYS E 29 -2.07 45.51 9.45
C LYS E 29 -2.06 44.29 8.52
N VAL E 30 -3.27 43.85 8.14
CA VAL E 30 -3.37 42.71 7.24
C VAL E 30 -2.77 43.04 5.88
N SER E 31 -2.77 44.31 5.49
CA SER E 31 -2.13 44.71 4.25
C SER E 31 -0.64 44.40 4.26
N LYS E 32 0.03 44.68 5.38
CA LYS E 32 1.46 44.38 5.49
C LYS E 32 1.72 42.88 5.41
N ALA E 33 0.88 42.08 6.08
CA ALA E 33 1.06 40.63 6.04
C ALA E 33 0.85 40.09 4.63
N ALA E 34 -0.19 40.58 3.94
CA ALA E 34 -0.44 40.15 2.58
C ALA E 34 0.70 40.55 1.65
N ALA E 35 1.22 41.77 1.83
CA ALA E 35 2.36 42.21 1.02
C ALA E 35 3.58 41.35 1.28
N ASP E 36 3.83 40.98 2.54
CA ASP E 36 4.96 40.12 2.86
C ASP E 36 4.80 38.74 2.23
N LEU E 37 3.59 38.17 2.29
CA LEU E 37 3.35 36.87 1.67
C LEU E 37 3.57 36.94 0.17
N MET E 38 3.05 38.00 -0.48
CA MET E 38 3.22 38.15 -1.92
C MET E 38 4.68 38.34 -2.28
N ALA E 39 5.43 39.12 -1.49
CA ALA E 39 6.85 39.31 -1.76
C ALA E 39 7.62 38.01 -1.61
N TYR E 40 7.31 37.22 -0.58
CA TYR E 40 7.99 35.93 -0.43
C TYR E 40 7.67 35.02 -1.60
N CYS E 41 6.41 35.00 -2.05
CA CYS E 41 6.07 34.18 -3.21
C CYS E 41 6.80 34.64 -4.46
N GLU E 42 6.92 35.96 -4.65
CA GLU E 42 7.60 36.48 -5.84
C GLU E 42 9.09 36.18 -5.80
N ALA E 43 9.72 36.32 -4.64
CA ALA E 43 11.17 36.14 -4.55
C ALA E 43 11.57 34.70 -4.83
N HIS E 44 10.75 33.73 -4.42
CA HIS E 44 11.06 32.33 -4.59
C HIS E 44 10.34 31.70 -5.78
N ALA E 45 9.74 32.53 -6.64
CA ALA E 45 9.01 32.00 -7.79
C ALA E 45 9.94 31.24 -8.72
N LYS E 46 11.14 31.76 -8.94
CA LYS E 46 12.12 31.08 -9.80
C LYS E 46 12.67 29.80 -9.18
N GLU E 47 12.53 29.62 -7.87
CA GLU E 47 13.05 28.46 -7.18
C GLU E 47 11.99 27.40 -6.90
N ASP E 48 10.78 27.57 -7.46
CA ASP E 48 9.71 26.61 -7.24
C ASP E 48 9.57 25.72 -8.46
N PRO E 49 9.88 24.42 -8.35
CA PRO E 49 9.72 23.52 -9.50
C PRO E 49 8.30 23.07 -9.78
N LEU E 50 7.30 23.73 -9.21
CA LEU E 50 5.90 23.34 -9.39
C LEU E 50 5.06 24.37 -10.13
N LEU E 51 5.24 25.66 -9.85
CA LEU E 51 4.50 26.69 -10.56
C LEU E 51 5.08 26.98 -11.95
N THR E 52 6.30 26.50 -12.22
CA THR E 52 6.88 26.52 -13.56
C THR E 52 7.35 25.11 -13.86
N PRO E 53 6.80 24.43 -14.87
CA PRO E 53 7.18 23.04 -15.14
C PRO E 53 8.65 22.91 -15.49
N VAL E 54 9.41 22.28 -14.60
CA VAL E 54 10.85 22.12 -14.79
C VAL E 54 11.10 21.21 -16.00
N PRO E 55 12.10 21.50 -16.84
CA PRO E 55 12.37 20.63 -17.99
C PRO E 55 12.80 19.24 -17.53
N ALA E 56 12.51 18.26 -18.39
CA ALA E 56 12.81 16.86 -18.06
C ALA E 56 14.29 16.63 -17.85
N SER E 57 15.14 17.47 -18.46
CA SER E 57 16.58 17.35 -18.24
C SER E 57 16.93 17.60 -16.78
N GLU E 58 16.32 18.62 -16.17
CA GLU E 58 16.57 18.91 -14.75
C GLU E 58 15.67 18.10 -13.83
N ASN E 59 14.51 17.68 -14.31
CA ASN E 59 13.54 16.97 -13.47
C ASN E 59 14.03 15.56 -13.17
N PRO E 60 14.21 15.19 -11.90
CA PRO E 60 14.62 13.81 -11.58
C PRO E 60 13.49 12.81 -11.63
N PHE E 61 12.24 13.26 -11.67
CA PHE E 61 11.09 12.37 -11.73
C PHE E 61 10.57 12.15 -13.15
N ARG E 62 11.20 12.76 -14.15
CA ARG E 62 10.77 12.60 -15.53
C ARG E 62 11.10 11.20 -16.06
N ASP F 1 27.95 -7.38 21.34
CA ASP F 1 27.59 -6.49 20.23
C ASP F 1 27.71 -7.22 18.89
N VAL F 2 27.81 -6.45 17.82
CA VAL F 2 27.94 -7.03 16.48
C VAL F 2 29.26 -7.78 16.38
N GLN F 3 29.22 -8.95 15.75
CA GLN F 3 30.39 -9.81 15.68
C GLN F 3 30.33 -10.70 14.44
N LEU F 4 31.49 -10.90 13.82
CA LEU F 4 31.67 -11.87 12.73
C LEU F 4 32.95 -12.63 13.06
N VAL F 5 32.81 -13.71 13.83
CA VAL F 5 33.93 -14.57 14.18
C VAL F 5 33.91 -15.78 13.25
N GLU F 6 35.06 -16.13 12.71
CA GLU F 6 35.15 -17.17 11.71
C GLU F 6 36.32 -18.10 12.02
N SER F 7 36.19 -19.35 11.56
CA SER F 7 37.20 -20.37 11.79
C SER F 7 37.38 -21.18 10.51
N GLY F 8 38.43 -21.99 10.51
CA GLY F 8 38.77 -22.78 9.34
C GLY F 8 40.26 -22.72 9.02
N GLY F 9 41.03 -22.15 9.94
CA GLY F 9 42.47 -22.06 9.74
C GLY F 9 43.13 -23.43 9.83
N GLY F 10 44.25 -23.56 9.16
CA GLY F 10 44.99 -24.80 9.16
C GLY F 10 45.92 -24.89 7.96
N LEU F 11 46.47 -26.08 7.78
CA LEU F 11 47.37 -26.39 6.68
C LEU F 11 46.75 -27.43 5.78
N VAL F 12 46.70 -27.14 4.47
CA VAL F 12 46.07 -28.01 3.50
C VAL F 12 47.09 -28.32 2.41
N GLN F 13 47.20 -29.60 2.05
CA GLN F 13 48.05 -29.99 0.94
C GLN F 13 47.44 -29.49 -0.37
N PRO F 14 48.27 -29.25 -1.39
CA PRO F 14 47.74 -28.74 -2.66
C PRO F 14 46.69 -29.68 -3.24
N GLY F 15 45.66 -29.08 -3.85
CA GLY F 15 44.55 -29.84 -4.37
C GLY F 15 43.49 -30.20 -3.35
N GLY F 16 43.60 -29.73 -2.13
CA GLY F 16 42.64 -30.03 -1.09
C GLY F 16 41.40 -29.16 -1.16
N SER F 17 40.59 -29.25 -0.11
CA SER F 17 39.36 -28.50 -0.02
C SER F 17 39.03 -28.24 1.44
N ARG F 18 38.15 -27.26 1.66
CA ARG F 18 37.73 -26.91 3.00
C ARG F 18 36.42 -26.15 2.92
N LYS F 19 35.62 -26.24 3.99
CA LYS F 19 34.35 -25.52 4.10
C LYS F 19 34.53 -24.47 5.19
N LEU F 20 34.90 -23.27 4.79
CA LEU F 20 35.09 -22.18 5.74
C LEU F 20 33.74 -21.68 6.26
N SER F 21 33.70 -21.33 7.53
CA SER F 21 32.47 -20.91 8.19
C SER F 21 32.69 -19.57 8.87
N CYS F 22 31.65 -18.72 8.83
CA CYS F 22 31.66 -17.42 9.48
C CYS F 22 30.49 -17.37 10.46
N SER F 23 30.81 -17.31 11.75
CA SER F 23 29.80 -17.25 12.81
C SER F 23 29.44 -15.80 13.06
N ALA F 24 28.19 -15.43 12.80
CA ALA F 24 27.73 -14.07 12.91
C ALA F 24 26.76 -13.91 14.07
N SER F 25 26.85 -12.78 14.76
CA SER F 25 25.97 -12.50 15.88
C SER F 25 25.92 -10.99 16.09
N GLY F 26 24.89 -10.56 16.82
CA GLY F 26 24.71 -9.14 17.10
C GLY F 26 24.06 -8.35 15.99
N PHE F 27 23.64 -9.00 14.90
CA PHE F 27 22.96 -8.29 13.82
C PHE F 27 22.09 -9.28 13.06
N ALA F 28 21.16 -8.74 12.28
CA ALA F 28 20.25 -9.54 11.47
C ALA F 28 21.02 -10.06 10.26
N PHE F 29 21.61 -11.24 10.41
CA PHE F 29 22.42 -11.81 9.34
C PHE F 29 21.59 -12.06 8.09
N SER F 30 20.36 -12.54 8.26
CA SER F 30 19.53 -12.87 7.10
C SER F 30 19.18 -11.66 6.27
N SER F 31 19.32 -10.46 6.82
CA SER F 31 19.02 -9.22 6.11
C SER F 31 20.27 -8.50 5.64
N PHE F 32 21.43 -9.16 5.65
CA PHE F 32 22.69 -8.57 5.22
C PHE F 32 23.30 -9.41 4.10
N GLY F 33 24.08 -8.76 3.25
CA GLY F 33 24.88 -9.46 2.26
C GLY F 33 26.30 -9.61 2.76
N MET F 34 26.78 -10.86 2.80
CA MET F 34 28.08 -11.18 3.37
C MET F 34 29.11 -11.36 2.27
N HIS F 35 30.22 -10.64 2.38
CA HIS F 35 31.34 -10.77 1.47
C HIS F 35 32.41 -11.68 2.06
N TRP F 36 33.45 -11.92 1.26
CA TRP F 36 34.65 -12.59 1.74
C TRP F 36 35.84 -11.90 1.09
N VAL F 37 36.75 -11.39 1.91
CA VAL F 37 37.92 -10.66 1.44
C VAL F 37 39.15 -11.31 2.04
N ARG F 38 40.22 -11.39 1.24
CA ARG F 38 41.42 -12.09 1.66
C ARG F 38 42.64 -11.20 1.46
N GLN F 39 43.68 -11.46 2.26
CA GLN F 39 44.96 -10.78 2.15
C GLN F 39 46.06 -11.81 2.04
N ALA F 40 46.91 -11.66 1.03
CA ALA F 40 48.08 -12.50 0.89
C ALA F 40 49.03 -12.20 2.03
N PRO F 41 49.98 -13.09 2.36
CA PRO F 41 50.87 -12.84 3.50
C PRO F 41 51.63 -11.52 3.41
N GLU F 42 51.83 -10.99 2.20
CA GLU F 42 52.50 -9.70 2.04
C GLU F 42 51.73 -8.71 1.17
N LYS F 43 50.83 -9.17 0.31
CA LYS F 43 50.14 -8.28 -0.63
C LYS F 43 48.93 -7.63 0.06
N GLY F 44 48.09 -6.97 -0.74
CA GLY F 44 46.93 -6.27 -0.23
C GLY F 44 45.67 -7.11 -0.31
N LEU F 45 44.55 -6.47 0.01
CA LEU F 45 43.27 -7.15 0.03
C LEU F 45 42.85 -7.56 -1.39
N GLU F 46 41.92 -8.51 -1.45
CA GLU F 46 41.41 -8.98 -2.73
C GLU F 46 40.04 -9.61 -2.50
N TRP F 47 39.05 -9.15 -3.25
CA TRP F 47 37.69 -9.67 -3.12
C TRP F 47 37.64 -11.12 -3.56
N VAL F 48 36.89 -11.95 -2.82
CA VAL F 48 36.83 -13.39 -3.05
C VAL F 48 35.45 -13.81 -3.55
N ALA F 49 34.40 -13.43 -2.83
CA ALA F 49 33.05 -13.84 -3.21
C ALA F 49 32.06 -12.81 -2.67
N TYR F 50 30.78 -13.10 -2.84
CA TYR F 50 29.71 -12.23 -2.34
C TYR F 50 28.40 -12.99 -2.39
N ILE F 51 27.67 -12.99 -1.29
CA ILE F 51 26.33 -13.58 -1.23
C ILE F 51 25.37 -12.52 -0.69
N SER F 52 24.22 -12.40 -1.33
CA SER F 52 23.26 -11.36 -1.00
C SER F 52 22.20 -11.87 -0.02
N SER F 53 21.43 -10.94 0.51
CA SER F 53 20.32 -11.31 1.38
C SER F 53 19.30 -12.13 0.61
N GLY F 54 18.91 -13.26 1.18
CA GLY F 54 18.06 -14.20 0.48
C GLY F 54 18.77 -15.07 -0.52
N SER F 55 20.09 -14.94 -0.65
CA SER F 55 20.91 -15.74 -1.57
C SER F 55 20.44 -15.59 -3.01
N GLY F 56 19.84 -14.44 -3.34
CA GLY F 56 19.39 -14.22 -4.71
C GLY F 56 20.53 -14.11 -5.70
N THR F 57 21.57 -13.35 -5.35
CA THR F 57 22.69 -13.10 -6.25
C THR F 57 23.98 -13.50 -5.56
N ILE F 58 24.82 -14.25 -6.28
CA ILE F 58 26.13 -14.68 -5.79
C ILE F 58 27.16 -14.33 -6.85
N TYR F 59 28.25 -13.69 -6.44
CA TYR F 59 29.35 -13.33 -7.33
C TYR F 59 30.64 -13.95 -6.83
N TYR F 60 31.60 -14.09 -7.73
CA TYR F 60 32.90 -14.64 -7.40
C TYR F 60 33.98 -13.89 -8.16
N ALA F 61 35.22 -14.01 -7.67
CA ALA F 61 36.35 -13.34 -8.29
C ALA F 61 36.78 -14.08 -9.56
N ASP F 62 37.66 -13.43 -10.32
CA ASP F 62 38.14 -14.02 -11.57
C ASP F 62 38.93 -15.29 -11.32
N THR F 63 39.81 -15.28 -10.31
CA THR F 63 40.61 -16.44 -9.95
C THR F 63 39.94 -17.33 -8.92
N VAL F 64 38.65 -17.09 -8.65
CA VAL F 64 37.93 -17.80 -7.60
C VAL F 64 36.69 -18.46 -8.20
N LYS F 65 36.21 -17.92 -9.32
CA LYS F 65 34.95 -18.38 -9.90
C LYS F 65 34.99 -19.87 -10.18
N GLY F 66 33.93 -20.56 -9.79
CA GLY F 66 33.83 -22.01 -9.93
C GLY F 66 34.51 -22.80 -8.84
N ARG F 67 35.75 -22.45 -8.52
CA ARG F 67 36.50 -23.19 -7.51
C ARG F 67 35.88 -23.02 -6.12
N PHE F 68 35.49 -21.79 -5.77
CA PHE F 68 34.97 -21.49 -4.44
C PHE F 68 33.49 -21.18 -4.56
N THR F 69 32.68 -21.76 -3.68
CA THR F 69 31.24 -21.55 -3.67
C THR F 69 30.81 -21.03 -2.32
N ILE F 70 29.97 -19.99 -2.31
CA ILE F 70 29.51 -19.34 -1.09
C ILE F 70 28.10 -19.84 -0.77
N SER F 71 27.80 -19.90 0.52
CA SER F 71 26.48 -20.33 0.99
C SER F 71 26.29 -19.85 2.42
N ARG F 72 25.07 -20.03 2.91
CA ARG F 72 24.75 -19.62 4.28
C ARG F 72 24.32 -20.82 5.13
N LYS F 76 20.30 -19.65 11.08
CA LYS F 76 21.38 -20.21 11.88
C LYS F 76 22.50 -19.18 12.09
N ASN F 77 22.47 -18.12 11.29
CA ASN F 77 23.45 -17.03 11.36
C ASN F 77 24.87 -17.54 11.18
N THR F 78 25.10 -18.22 10.05
CA THR F 78 26.43 -18.72 9.73
C THR F 78 26.59 -18.78 8.22
N LEU F 79 27.70 -18.24 7.71
CA LEU F 79 27.98 -18.19 6.29
C LEU F 79 29.08 -19.17 5.94
N PHE F 80 28.86 -19.96 4.90
CA PHE F 80 29.79 -21.00 4.47
C PHE F 80 30.33 -20.69 3.10
N LEU F 81 31.65 -20.70 2.98
CA LEU F 81 32.34 -20.54 1.69
C LEU F 81 32.90 -21.91 1.33
N GLN F 82 32.07 -22.74 0.69
CA GLN F 82 32.51 -24.08 0.29
C GLN F 82 33.62 -23.95 -0.73
N MET F 83 34.81 -24.40 -0.35
CA MET F 83 36.05 -24.10 -1.05
C MET F 83 36.70 -25.40 -1.52
N THR F 84 37.02 -25.47 -2.81
CA THR F 84 37.51 -26.68 -3.43
C THR F 84 38.74 -26.39 -4.28
N SER F 85 39.59 -27.40 -4.42
CA SER F 85 40.79 -27.35 -5.27
C SER F 85 41.70 -26.20 -4.86
N LEU F 86 42.20 -26.29 -3.62
CA LEU F 86 43.13 -25.29 -3.12
C LEU F 86 44.46 -25.37 -3.86
N ARG F 87 44.96 -24.22 -4.29
CA ARG F 87 46.22 -24.13 -5.02
C ARG F 87 47.23 -23.34 -4.19
N SER F 88 48.41 -23.12 -4.78
CA SER F 88 49.46 -22.39 -4.09
C SER F 88 49.07 -20.95 -3.83
N GLU F 89 48.40 -20.31 -4.80
CA GLU F 89 48.07 -18.89 -4.68
C GLU F 89 46.92 -18.63 -3.71
N ASP F 90 46.24 -19.67 -3.22
CA ASP F 90 45.09 -19.48 -2.35
C ASP F 90 45.46 -19.19 -0.91
N THR F 91 46.75 -19.27 -0.55
CA THR F 91 47.14 -19.01 0.83
C THR F 91 46.99 -17.53 1.15
N ALA F 92 46.06 -17.23 2.06
CA ALA F 92 45.74 -15.84 2.38
C ALA F 92 44.89 -15.83 3.65
N MET F 93 44.88 -14.67 4.31
CA MET F 93 44.09 -14.47 5.52
C MET F 93 42.68 -14.04 5.08
N TYR F 94 41.76 -14.98 5.04
CA TYR F 94 40.40 -14.71 4.60
C TYR F 94 39.64 -13.93 5.67
N TYR F 95 38.92 -12.90 5.24
CA TYR F 95 38.11 -12.09 6.14
C TYR F 95 36.64 -12.27 5.82
N CYS F 96 35.80 -11.96 6.81
CA CYS F 96 34.35 -12.02 6.69
C CYS F 96 33.82 -10.60 6.84
N VAL F 97 33.06 -10.15 5.84
CA VAL F 97 32.59 -8.77 5.79
C VAL F 97 31.10 -8.77 5.48
N ARG F 98 30.35 -7.97 6.21
CA ARG F 98 28.93 -7.78 5.97
C ARG F 98 28.70 -6.52 5.15
N SER F 99 27.61 -6.51 4.39
CA SER F 99 27.27 -5.33 3.59
C SER F 99 25.82 -5.43 3.16
N ILE F 100 25.00 -4.46 3.54
CA ILE F 100 23.63 -4.36 3.05
C ILE F 100 23.51 -3.06 2.26
N TYR F 101 22.86 -3.15 1.10
CA TYR F 101 22.83 -2.06 0.13
C TYR F 101 21.43 -1.50 0.05
N TYR F 102 21.30 -0.22 0.40
CA TYR F 102 20.08 0.55 0.16
C TYR F 102 20.48 2.01 0.17
N TYR F 103 19.52 2.87 -0.18
CA TYR F 103 19.84 4.28 -0.32
C TYR F 103 20.32 4.86 1.01
N GLY F 104 21.60 5.23 1.07
CA GLY F 104 22.19 5.73 2.29
C GLY F 104 22.84 4.70 3.16
N SER F 105 22.99 3.47 2.69
CA SER F 105 23.54 2.39 3.50
C SER F 105 25.06 2.56 3.63
N SER F 106 25.66 1.69 4.43
CA SER F 106 27.10 1.70 4.71
C SER F 106 27.66 0.31 4.46
N PRO F 107 27.84 -0.07 3.19
CA PRO F 107 28.35 -1.41 2.90
C PRO F 107 29.78 -1.60 3.39
N PHE F 108 30.13 -2.86 3.63
CA PHE F 108 31.46 -3.27 4.09
C PHE F 108 31.81 -2.70 5.45
N ASP F 109 30.80 -2.31 6.24
CA ASP F 109 31.07 -1.51 7.43
C ASP F 109 31.84 -2.30 8.49
N PHE F 110 31.44 -3.53 8.77
CA PHE F 110 32.10 -4.33 9.79
C PHE F 110 32.87 -5.47 9.15
N TRP F 111 34.05 -5.74 9.69
CA TRP F 111 34.95 -6.77 9.19
C TRP F 111 35.25 -7.76 10.30
N GLY F 112 35.24 -9.04 9.96
CA GLY F 112 35.58 -10.06 10.92
C GLY F 112 37.06 -10.07 11.25
N GLN F 113 37.42 -10.82 12.28
CA GLN F 113 38.80 -10.88 12.73
C GLN F 113 39.71 -11.62 11.76
N GLY F 114 39.16 -12.35 10.80
CA GLY F 114 39.96 -13.01 9.80
C GLY F 114 40.38 -14.42 10.22
N THR F 115 40.62 -15.25 9.22
CA THR F 115 41.14 -16.60 9.41
C THR F 115 42.34 -16.81 8.50
N THR F 116 43.36 -17.50 9.02
CA THR F 116 44.61 -17.70 8.32
C THR F 116 44.62 -19.09 7.69
N LEU F 117 44.77 -19.14 6.37
CA LEU F 117 44.84 -20.39 5.64
C LEU F 117 46.19 -20.50 4.94
N THR F 118 46.74 -21.71 4.93
CA THR F 118 48.02 -21.98 4.30
C THR F 118 47.91 -23.19 3.38
N VAL F 119 48.69 -23.18 2.31
CA VAL F 119 48.78 -24.30 1.38
C VAL F 119 50.25 -24.63 1.18
N SER F 120 50.61 -25.89 1.38
CA SER F 120 51.99 -26.33 1.26
C SER F 120 52.45 -26.27 -0.19
N GLY F 135 38.62 -9.37 -18.25
CA GLY F 135 39.41 -8.33 -18.87
C GLY F 135 38.87 -6.93 -18.62
N SER F 136 37.63 -6.86 -18.14
CA SER F 136 36.97 -5.60 -17.85
C SER F 136 37.14 -5.16 -16.40
N ASP F 137 38.21 -5.59 -15.73
CA ASP F 137 38.44 -5.20 -14.36
C ASP F 137 38.81 -3.72 -14.27
N ILE F 138 38.19 -3.02 -13.32
CA ILE F 138 38.50 -1.61 -13.07
C ILE F 138 39.65 -1.60 -12.07
N VAL F 139 40.87 -1.68 -12.58
CA VAL F 139 42.04 -1.80 -11.72
C VAL F 139 42.32 -0.46 -11.05
N MET F 140 42.52 -0.50 -9.72
CA MET F 140 42.85 0.67 -8.93
C MET F 140 44.31 0.58 -8.52
N THR F 141 45.06 1.67 -8.73
CA THR F 141 46.49 1.69 -8.48
C THR F 141 46.83 2.82 -7.53
N GLN F 142 47.61 2.51 -6.50
CA GLN F 142 48.16 3.49 -5.58
C GLN F 142 49.65 3.58 -5.84
N ALA F 143 50.10 4.70 -6.40
CA ALA F 143 51.51 4.84 -6.76
C ALA F 143 52.42 4.78 -5.54
N THR F 144 52.03 5.44 -4.46
CA THR F 144 52.84 5.49 -3.25
C THR F 144 52.66 4.19 -2.46
N SER F 145 53.66 3.31 -2.54
CA SER F 145 53.59 2.07 -1.77
C SER F 145 53.63 2.35 -0.27
N SER F 146 54.44 3.30 0.16
CA SER F 146 54.54 3.66 1.57
C SER F 146 54.83 5.15 1.68
N VAL F 147 54.40 5.74 2.78
CA VAL F 147 54.62 7.17 3.04
C VAL F 147 55.04 7.34 4.51
N PRO F 148 56.28 7.74 4.78
CA PRO F 148 56.70 7.98 6.17
C PRO F 148 56.16 9.32 6.65
N VAL F 149 55.28 9.28 7.64
CA VAL F 149 54.62 10.47 8.15
C VAL F 149 54.69 10.46 9.67
N THR F 150 55.01 11.64 10.26
CA THR F 150 55.13 11.91 11.69
C THR F 150 53.76 12.18 12.30
N PRO F 151 53.58 11.85 13.58
CA PRO F 151 52.30 12.11 14.24
C PRO F 151 51.99 13.60 14.29
N GLY F 152 50.70 13.92 14.22
CA GLY F 152 50.24 15.29 14.26
C GLY F 152 50.30 16.05 12.96
N GLU F 153 50.79 15.41 11.88
CA GLU F 153 50.90 16.05 10.59
C GLU F 153 49.83 15.53 9.64
N SER F 154 49.66 16.24 8.53
CA SER F 154 48.69 15.86 7.52
C SER F 154 49.26 14.78 6.60
N VAL F 155 48.39 13.87 6.17
CA VAL F 155 48.76 12.80 5.26
C VAL F 155 47.74 12.71 4.14
N SER F 156 48.15 12.11 3.04
CA SER F 156 47.28 11.94 1.88
C SER F 156 47.69 10.69 1.12
N ILE F 157 46.70 9.89 0.74
CA ILE F 157 46.92 8.66 -0.01
C ILE F 157 46.14 8.77 -1.32
N SER F 158 46.84 8.65 -2.44
CA SER F 158 46.23 8.80 -3.75
C SER F 158 45.66 7.47 -4.22
N CYS F 159 44.69 7.57 -5.15
CA CYS F 159 44.06 6.40 -5.72
C CYS F 159 43.68 6.71 -7.16
N ARG F 160 43.67 5.67 -7.99
CA ARG F 160 43.35 5.79 -9.40
C ARG F 160 42.35 4.71 -9.80
N SER F 161 41.93 4.74 -11.06
CA SER F 161 41.01 3.75 -11.57
C SER F 161 41.20 3.61 -13.07
N SER F 162 40.80 2.45 -13.60
CA SER F 162 40.85 2.21 -15.03
C SER F 162 39.66 2.82 -15.76
N LYS F 163 38.61 3.19 -15.03
CA LYS F 163 37.43 3.84 -15.60
C LYS F 163 36.92 4.87 -14.62
N SER F 164 36.10 5.79 -15.12
CA SER F 164 35.48 6.77 -14.24
C SER F 164 34.48 6.08 -13.32
N LEU F 165 34.58 6.37 -12.02
CA LEU F 165 33.72 5.76 -11.02
C LEU F 165 32.47 6.56 -10.72
N LEU F 166 32.26 7.68 -11.42
CA LEU F 166 31.06 8.49 -11.23
C LEU F 166 29.97 7.92 -12.11
N HIS F 167 29.07 7.13 -11.51
CA HIS F 167 27.96 6.57 -12.26
C HIS F 167 26.93 7.64 -12.57
N SER F 168 26.04 7.33 -13.51
CA SER F 168 25.01 8.28 -13.91
C SER F 168 24.08 8.65 -12.77
N ASN F 169 23.94 7.79 -11.75
CA ASN F 169 23.10 8.13 -10.62
C ASN F 169 23.70 9.23 -9.75
N GLY F 170 24.96 9.59 -9.98
CA GLY F 170 25.59 10.68 -9.26
C GLY F 170 26.51 10.26 -8.13
N ASN F 171 26.64 8.97 -7.88
CA ASN F 171 27.44 8.45 -6.78
C ASN F 171 28.75 7.87 -7.30
N THR F 172 29.87 8.36 -6.78
CA THR F 172 31.15 7.70 -7.00
C THR F 172 31.31 6.60 -5.96
N TYR F 173 31.83 5.45 -6.38
CA TYR F 173 31.83 4.24 -5.57
C TYR F 173 33.22 3.86 -5.08
N LEU F 174 33.98 4.84 -4.59
CA LEU F 174 35.28 4.58 -3.98
C LEU F 174 35.12 4.39 -2.48
N TYR F 175 35.65 3.27 -1.98
CA TYR F 175 35.61 2.93 -0.56
C TYR F 175 37.02 2.94 0.00
N TRP F 176 37.16 3.43 1.23
CA TRP F 176 38.45 3.53 1.89
C TRP F 176 38.43 2.71 3.17
N PHE F 177 39.41 1.81 3.32
CA PHE F 177 39.53 0.95 4.48
C PHE F 177 40.86 1.20 5.17
N LEU F 178 40.85 1.17 6.50
CA LEU F 178 42.05 1.32 7.31
C LEU F 178 42.34 0.01 8.00
N GLN F 179 43.53 -0.53 7.78
CA GLN F 179 43.95 -1.79 8.40
C GLN F 179 45.11 -1.50 9.36
N ARG F 180 44.79 -1.48 10.65
CA ARG F 180 45.84 -1.34 11.65
C ARG F 180 46.69 -2.61 11.68
N PRO F 181 47.98 -2.49 12.00
CA PRO F 181 48.86 -3.66 12.00
C PRO F 181 48.42 -4.67 13.07
N GLY F 182 47.96 -5.83 12.61
CA GLY F 182 47.48 -6.86 13.51
C GLY F 182 46.01 -6.80 13.86
N GLN F 183 45.22 -5.98 13.15
CA GLN F 183 43.80 -5.84 13.45
C GLN F 183 43.03 -5.86 12.14
N SER F 184 41.72 -6.09 12.27
CA SER F 184 40.85 -6.17 11.11
C SER F 184 40.66 -4.78 10.49
N PRO F 185 40.48 -4.72 9.17
CA PRO F 185 40.21 -3.43 8.53
C PRO F 185 38.90 -2.82 9.00
N GLN F 186 38.86 -1.49 9.01
CA GLN F 186 37.68 -0.75 9.42
C GLN F 186 37.28 0.19 8.29
N LEU F 187 36.00 0.17 7.92
CA LEU F 187 35.51 1.06 6.89
C LEU F 187 35.64 2.51 7.34
N LEU F 188 36.47 3.27 6.63
CA LEU F 188 36.70 4.67 6.96
C LEU F 188 35.80 5.61 6.17
N ILE F 189 35.72 5.42 4.86
CA ILE F 189 34.94 6.29 3.98
C ILE F 189 34.22 5.43 2.96
N TYR F 190 32.93 5.66 2.78
CA TYR F 190 32.14 4.93 1.78
C TYR F 190 31.58 5.93 0.77
N ARG F 191 31.67 5.56 -0.51
CA ARG F 191 31.24 6.39 -1.63
C ARG F 191 32.03 7.71 -1.70
N MET F 192 33.28 7.68 -1.27
CA MET F 192 34.29 8.69 -1.56
C MET F 192 34.06 10.01 -0.83
N SER F 193 32.90 10.18 -0.20
CA SER F 193 32.63 11.41 0.52
C SER F 193 32.01 11.21 1.90
N ASN F 194 31.39 10.07 2.18
CA ASN F 194 30.66 9.86 3.42
C ASN F 194 31.56 9.18 4.45
N LEU F 195 31.43 9.59 5.71
CA LEU F 195 32.24 9.05 6.79
C LEU F 195 31.41 8.02 7.58
N ALA F 196 31.96 6.83 7.74
CA ALA F 196 31.26 5.76 8.43
C ALA F 196 31.15 6.06 9.92
N SER F 197 30.18 5.41 10.56
CA SER F 197 29.98 5.59 11.98
C SER F 197 31.16 5.04 12.78
N GLY F 198 31.54 5.79 13.82
CA GLY F 198 32.69 5.44 14.63
C GLY F 198 34.01 5.96 14.11
N VAL F 199 34.06 6.40 12.86
CA VAL F 199 35.29 6.97 12.31
C VAL F 199 35.40 8.42 12.74
N PRO F 200 36.53 8.84 13.31
CA PRO F 200 36.67 10.23 13.75
C PRO F 200 36.67 11.19 12.57
N ASP F 201 36.38 12.46 12.88
CA ASP F 201 36.32 13.49 11.85
C ASP F 201 37.69 13.80 11.25
N ARG F 202 38.77 13.29 11.83
CA ARG F 202 40.10 13.55 11.33
C ARG F 202 40.32 12.96 9.94
N PHE F 203 39.46 12.06 9.48
CA PHE F 203 39.59 11.43 8.19
C PHE F 203 38.62 12.05 7.20
N SER F 204 39.12 12.40 6.01
CA SER F 204 38.30 12.97 4.95
C SER F 204 38.75 12.41 3.62
N GLY F 205 37.84 12.41 2.66
CA GLY F 205 38.12 11.87 1.34
C GLY F 205 37.48 12.72 0.27
N SER F 206 38.13 12.74 -0.90
CA SER F 206 37.66 13.55 -2.02
C SER F 206 38.19 12.94 -3.30
N GLY F 207 37.59 13.35 -4.42
CA GLY F 207 37.99 12.87 -5.72
C GLY F 207 36.94 13.18 -6.75
N SER F 208 37.26 12.83 -8.00
CA SER F 208 36.35 13.10 -9.11
C SER F 208 36.68 12.15 -10.24
N GLY F 209 35.77 11.22 -10.53
CA GLY F 209 35.87 10.39 -11.70
C GLY F 209 36.94 9.32 -11.64
N THR F 210 38.20 9.73 -11.66
CA THR F 210 39.31 8.80 -11.74
C THR F 210 40.34 8.95 -10.63
N ALA F 211 40.61 10.18 -10.20
CA ALA F 211 41.61 10.45 -9.18
C ALA F 211 40.91 10.72 -7.85
N PHE F 212 41.28 9.96 -6.82
CA PHE F 212 40.70 10.09 -5.50
C PHE F 212 41.81 10.29 -4.48
N THR F 213 41.48 10.96 -3.39
CA THR F 213 42.45 11.32 -2.36
C THR F 213 41.81 11.22 -0.99
N LEU F 214 42.44 10.46 -0.10
CA LEU F 214 42.02 10.37 1.29
C LEU F 214 42.87 11.32 2.12
N THR F 215 42.22 12.27 2.79
CA THR F 215 42.91 13.30 3.55
C THR F 215 42.83 12.97 5.04
N ILE F 216 43.98 12.94 5.69
CA ILE F 216 44.08 12.67 7.12
C ILE F 216 44.70 13.89 7.80
N SER F 217 44.02 14.40 8.82
CA SER F 217 44.48 15.55 9.57
C SER F 217 44.63 15.18 11.04
N ARG F 218 45.61 15.79 11.70
CA ARG F 218 45.89 15.54 13.12
C ARG F 218 46.17 14.05 13.34
N LEU F 219 47.25 13.58 12.72
CA LEU F 219 47.61 12.16 12.78
C LEU F 219 47.82 11.72 14.22
N GLU F 220 47.37 10.50 14.52
CA GLU F 220 47.51 9.91 15.84
C GLU F 220 48.22 8.56 15.71
N ALA F 221 48.49 7.93 16.86
CA ALA F 221 49.16 6.64 16.85
C ALA F 221 48.27 5.55 16.26
N GLU F 222 46.98 5.58 16.59
CA GLU F 222 46.07 4.54 16.12
C GLU F 222 45.85 4.59 14.61
N ASP F 223 46.09 5.74 13.98
CA ASP F 223 45.89 5.86 12.54
C ASP F 223 47.00 5.21 11.72
N VAL F 224 48.08 4.76 12.36
CA VAL F 224 49.16 4.10 11.63
C VAL F 224 48.67 2.76 11.11
N GLY F 225 48.98 2.47 9.84
CA GLY F 225 48.57 1.21 9.25
C GLY F 225 48.71 1.27 7.74
N VAL F 226 47.99 0.39 7.07
CA VAL F 226 47.96 0.33 5.61
C VAL F 226 46.56 0.69 5.14
N TYR F 227 46.47 1.59 4.17
CA TYR F 227 45.21 2.15 3.70
C TYR F 227 44.90 1.59 2.32
N TYR F 228 43.67 1.14 2.13
CA TYR F 228 43.26 0.45 0.92
C TYR F 228 42.14 1.21 0.22
N CYS F 229 42.24 1.31 -1.10
CA CYS F 229 41.25 1.98 -1.94
C CYS F 229 40.50 0.91 -2.72
N MET F 230 39.19 0.86 -2.54
CA MET F 230 38.35 -0.17 -3.16
C MET F 230 37.23 0.48 -3.96
N GLN F 231 36.99 -0.05 -5.15
CA GLN F 231 35.89 0.41 -6.00
C GLN F 231 34.72 -0.55 -5.90
N HIS F 232 33.52 -0.02 -6.18
CA HIS F 232 32.32 -0.83 -6.15
C HIS F 232 31.40 -0.57 -7.35
N LEU F 233 31.89 0.09 -8.40
CA LEU F 233 31.03 0.39 -9.54
C LEU F 233 30.59 -0.87 -10.27
N GLU F 234 31.41 -1.91 -10.26
CA GLU F 234 31.05 -3.15 -10.93
C GLU F 234 31.91 -4.28 -10.39
N TYR F 235 31.29 -5.43 -10.15
CA TYR F 235 32.04 -6.60 -9.72
C TYR F 235 32.93 -7.10 -10.86
N PRO F 236 34.13 -7.59 -10.57
CA PRO F 236 34.73 -7.80 -9.23
C PRO F 236 35.11 -6.51 -8.53
N LEU F 237 35.01 -6.49 -7.19
CA LEU F 237 35.38 -5.34 -6.38
C LEU F 237 36.90 -5.29 -6.31
N THR F 238 37.51 -4.69 -7.31
CA THR F 238 38.97 -4.63 -7.38
C THR F 238 39.53 -3.76 -6.26
N PHE F 239 40.63 -4.21 -5.68
CA PHE F 239 41.28 -3.53 -4.58
C PHE F 239 42.59 -2.91 -5.04
N GLY F 240 42.90 -1.74 -4.47
CA GLY F 240 44.17 -1.11 -4.74
C GLY F 240 45.32 -1.79 -4.03
N ALA F 241 46.54 -1.49 -4.51
CA ALA F 241 47.72 -2.08 -3.90
C ALA F 241 47.88 -1.67 -2.45
N GLY F 242 47.38 -0.50 -2.08
CA GLY F 242 47.44 -0.06 -0.70
C GLY F 242 48.68 0.78 -0.41
N THR F 243 48.52 1.72 0.51
CA THR F 243 49.60 2.59 0.94
C THR F 243 49.91 2.29 2.40
N LYS F 244 51.17 1.97 2.69
CA LYS F 244 51.61 1.66 4.04
C LYS F 244 52.07 2.95 4.70
N LEU F 245 51.15 3.65 5.35
CA LEU F 245 51.47 4.88 6.04
C LEU F 245 52.22 4.58 7.33
N GLU F 246 53.50 4.20 7.19
CA GLU F 246 54.30 3.81 8.34
C GLU F 246 54.58 5.01 9.24
N LEU F 247 54.73 4.73 10.53
CA LEU F 247 55.01 5.78 11.51
C LEU F 247 56.36 6.42 11.24
#